data_7DUO
#
_entry.id   7DUO
#
_cell.length_a   81.611
_cell.length_b   54.658
_cell.length_c   93.052
_cell.angle_alpha   90.000
_cell.angle_beta   98.160
_cell.angle_gamma   90.000
#
_symmetry.space_group_name_H-M   'P 1 2 1'
#
loop_
_entity.id
_entity.type
_entity.pdbx_description
1 polymer 'Fab heavy chain'
2 polymer 'ADP-ribosyl cyclase/cyclic ADP-ribose hydrolase 1'
3 polymer 'Fab light chain'
#
loop_
_entity_poly.entity_id
_entity_poly.type
_entity_poly.pdbx_seq_one_letter_code
_entity_poly.pdbx_strand_id
1 'polypeptide(L)'
;EVQLLESGGGLVQPGGSLRLSCAVSGFTFNSFAMSWVRQAPGKGLEWVSAISGSGGGTYYADSVKGRFTISRDNSKNTLY
LQMNSLRAEDTAVYFCAKDKILWFGEPVFDYWGQGTLVTVSSASTKGPSVFPLAPSSKSTSGGTAALGCLVKDYFPEPVT
VSWNSGALTSGVHTFPAVLQSSGLYSLSSVVTVPSSSLGTQTYICNVNHKPSNTKVDKRVEPK
;
H
2 'polypeptide(L)'
;KRFPETVLARCVKYTEIHPEMRHVDCQSVWDAFKGAFISKHPCNITEEDYQPLMKLGTQTVPCNKILLWSRIKDLAHQFT
QVQRDMFTLEDTLLGYLADDLTWCGEFNTSKINYQSCPDWRKDCSNNPVSVFWKTVSRRFAEAACDVVHVMLNGSRSKIF
DKNSTFGSVEVHNLQPEKVQTLEAWVIHGGREDSRDLCQDPTIKELESIISKRNIQFSCKNIYRPDKFL
;
B
3 'polypeptide(L)'
;EIVLTQSPATLSLSPGERATLSCRASQSVSSYLAWYQQKPGQAPRLLIYDASNRATGIPARFSGSGSGTDFTLTISSLEP
EDFAVYYCQQRSNWPPTFGQGTKVEIKRTVAAPSVFIFPPSDEQLKSGTASVVCLLNNFYPREAKVQWKVDNALQSGNSQ
ESVTEQDSKDSTYSLSSTLTLSKADYEKHKVYACEVTHQGLSSPVTKSFNRGE
;
L
#
# COMPACT_ATOMS: atom_id res chain seq x y z
N GLU A 1 14.62 -0.96 14.48
CA GLU A 1 14.69 -0.10 13.30
C GLU A 1 14.24 -0.87 12.05
N VAL A 2 12.96 -0.73 11.71
CA VAL A 2 12.43 -1.37 10.51
C VAL A 2 13.03 -0.72 9.28
N GLN A 3 13.62 -1.53 8.40
CA GLN A 3 14.30 -1.02 7.22
C GLN A 3 13.86 -1.80 5.98
N LEU A 4 13.59 -1.05 4.91
CA LEU A 4 13.21 -1.59 3.60
C LEU A 4 14.03 -0.84 2.55
N LEU A 5 14.84 -1.56 1.79
CA LEU A 5 15.76 -0.89 0.86
C LEU A 5 15.78 -1.64 -0.46
N GLU A 6 15.35 -0.90 -1.48
CA GLU A 6 15.14 -1.44 -2.82
C GLU A 6 16.42 -1.32 -3.63
N SER A 7 16.54 -2.14 -4.65
CA SER A 7 17.86 -2.21 -5.27
C SER A 7 17.91 -1.95 -6.75
N GLY A 8 19.00 -1.27 -7.13
CA GLY A 8 19.28 -1.05 -8.56
C GLY A 8 18.79 0.26 -9.12
N GLY A 9 17.77 0.17 -9.97
CA GLY A 9 17.33 1.37 -10.69
C GLY A 9 16.69 0.89 -11.94
N GLY A 10 16.85 1.62 -13.02
CA GLY A 10 16.23 1.03 -14.18
C GLY A 10 15.93 1.79 -15.43
N LEU A 11 16.80 1.66 -16.42
CA LEU A 11 16.37 2.09 -17.75
C LEU A 11 16.26 0.84 -18.62
N VAL A 12 15.04 0.53 -19.06
CA VAL A 12 14.79 -0.63 -19.92
C VAL A 12 14.19 -0.16 -21.24
N GLN A 13 14.58 -0.82 -22.32
CA GLN A 13 13.87 -0.63 -23.57
C GLN A 13 12.46 -1.18 -23.44
N PRO A 14 11.50 -0.62 -24.18
CA PRO A 14 10.17 -1.23 -24.25
C PRO A 14 10.27 -2.67 -24.70
N GLY A 15 9.50 -3.54 -24.05
CA GLY A 15 9.57 -4.96 -24.29
C GLY A 15 10.67 -5.68 -23.53
N GLY A 16 11.54 -4.96 -22.83
CA GLY A 16 12.55 -5.57 -22.01
C GLY A 16 12.01 -5.98 -20.65
N SER A 17 12.93 -6.53 -19.85
CA SER A 17 12.61 -7.01 -18.51
C SER A 17 13.66 -6.51 -17.54
N LEU A 18 13.28 -6.45 -16.26
CA LEU A 18 14.27 -6.28 -15.20
C LEU A 18 13.64 -6.73 -13.88
N ARG A 19 14.51 -6.89 -12.86
CA ARG A 19 14.10 -7.45 -11.59
C ARG A 19 14.37 -6.45 -10.47
N LEU A 20 13.30 -6.05 -9.79
CA LEU A 20 13.40 -5.19 -8.62
C LEU A 20 13.57 -6.02 -7.37
N SER A 21 14.43 -5.54 -6.47
CA SER A 21 14.69 -6.24 -5.22
C SER A 21 14.38 -5.31 -4.05
N CYS A 22 14.12 -5.92 -2.89
CA CYS A 22 14.03 -5.16 -1.66
C CYS A 22 14.47 -6.03 -0.50
N ALA A 23 15.44 -5.53 0.25
CA ALA A 23 15.97 -6.16 1.45
C ALA A 23 15.34 -5.52 2.68
N VAL A 24 14.91 -6.36 3.62
CA VAL A 24 14.23 -5.91 4.82
C VAL A 24 15.05 -6.26 6.06
N SER A 25 14.81 -5.52 7.12
CA SER A 25 15.42 -5.80 8.41
C SER A 25 14.54 -5.22 9.50
N GLY A 26 14.68 -5.77 10.70
CA GLY A 26 13.99 -5.24 11.86
C GLY A 26 12.61 -5.81 12.12
N PHE A 27 12.21 -6.85 11.39
CA PHE A 27 10.96 -7.53 11.66
C PHE A 27 11.03 -8.94 11.10
N THR A 28 10.12 -9.78 11.58
CA THR A 28 10.06 -11.17 11.14
C THR A 28 9.44 -11.18 9.75
N PHE A 29 10.32 -11.18 8.74
CA PHE A 29 9.90 -11.05 7.34
C PHE A 29 8.74 -11.99 6.99
N ASN A 30 8.92 -13.28 7.26
CA ASN A 30 7.96 -14.29 6.84
C ASN A 30 6.70 -14.32 7.70
N SER A 31 6.53 -13.38 8.62
CA SER A 31 5.28 -13.26 9.35
C SER A 31 4.29 -12.34 8.67
N PHE A 32 4.62 -11.80 7.50
CA PHE A 32 3.86 -10.70 6.92
C PHE A 32 3.77 -10.83 5.41
N ALA A 33 2.64 -10.38 4.88
CA ALA A 33 2.53 -10.18 3.44
C ALA A 33 3.29 -8.91 3.05
N MET A 34 3.77 -8.89 1.81
CA MET A 34 4.42 -7.71 1.27
C MET A 34 3.75 -7.34 -0.05
N SER A 35 3.97 -6.10 -0.49
CA SER A 35 3.36 -5.64 -1.73
C SER A 35 4.27 -4.63 -2.43
N TRP A 36 4.21 -4.67 -3.75
CA TRP A 36 4.79 -3.62 -4.59
C TRP A 36 3.69 -2.68 -5.03
N VAL A 37 3.98 -1.37 -4.91
CA VAL A 37 3.04 -0.28 -5.17
C VAL A 37 3.76 0.77 -6.01
N ARG A 38 3.23 1.09 -7.18
CA ARG A 38 3.92 1.99 -8.10
C ARG A 38 3.34 3.40 -8.01
N GLN A 39 4.12 4.36 -8.52
CA GLN A 39 3.68 5.75 -8.61
C GLN A 39 4.35 6.37 -9.82
N ALA A 40 3.58 6.66 -10.86
CA ALA A 40 4.12 7.41 -12.00
C ALA A 40 4.46 8.82 -11.54
N PRO A 41 5.43 9.47 -12.18
CA PRO A 41 5.83 10.82 -11.74
C PRO A 41 4.68 11.81 -11.86
N GLY A 42 4.40 12.50 -10.77
CA GLY A 42 3.34 13.47 -10.73
C GLY A 42 1.93 12.90 -10.64
N LYS A 43 1.79 11.59 -10.50
CA LYS A 43 0.49 10.94 -10.39
C LYS A 43 0.41 10.21 -9.05
N GLY A 44 -0.70 9.50 -8.85
CA GLY A 44 -1.01 8.91 -7.57
C GLY A 44 -0.37 7.56 -7.36
N LEU A 45 -0.88 6.85 -6.36
CA LEU A 45 -0.38 5.53 -5.98
C LEU A 45 -1.30 4.46 -6.56
N GLU A 46 -0.71 3.51 -7.29
CA GLU A 46 -1.44 2.38 -7.85
C GLU A 46 -0.76 1.10 -7.38
N TRP A 47 -1.53 0.22 -6.75
CA TRP A 47 -0.98 -1.00 -6.19
C TRP A 47 -0.70 -2.02 -7.29
N VAL A 48 0.47 -2.67 -7.23
CA VAL A 48 0.90 -3.57 -8.28
C VAL A 48 0.64 -5.02 -7.89
N SER A 49 1.21 -5.48 -6.79
CA SER A 49 1.02 -6.89 -6.46
C SER A 49 1.30 -7.15 -4.99
N ALA A 50 0.79 -8.29 -4.52
CA ALA A 50 0.90 -8.69 -3.12
C ALA A 50 1.27 -10.16 -3.03
N ILE A 51 2.05 -10.50 -2.00
CA ILE A 51 2.50 -11.87 -1.75
C ILE A 51 2.41 -12.16 -0.26
N SER A 52 2.04 -13.40 0.06
CA SER A 52 1.88 -13.82 1.45
C SER A 52 3.25 -14.08 2.09
N GLY A 53 3.22 -14.22 3.42
CA GLY A 53 4.45 -14.44 4.16
C GLY A 53 5.19 -15.70 3.72
N SER A 54 4.44 -16.76 3.40
CA SER A 54 5.06 -18.01 2.92
C SER A 54 5.42 -17.89 1.44
N GLY A 55 4.93 -16.85 0.76
CA GLY A 55 5.14 -16.72 -0.66
C GLY A 55 4.18 -17.50 -1.52
N GLY A 56 3.20 -18.16 -0.93
CA GLY A 56 2.30 -19.03 -1.68
C GLY A 56 1.07 -18.34 -2.22
N GLY A 57 0.64 -17.26 -1.57
CA GLY A 57 -0.49 -16.48 -2.04
C GLY A 57 -0.03 -15.22 -2.76
N THR A 58 -0.63 -14.96 -3.92
CA THR A 58 -0.25 -13.82 -4.73
C THR A 58 -1.48 -13.18 -5.36
N TYR A 59 -1.47 -11.84 -5.42
CA TYR A 59 -2.48 -11.06 -6.10
C TYR A 59 -1.80 -10.05 -7.01
N TYR A 60 -2.41 -9.79 -8.16
CA TYR A 60 -1.85 -8.87 -9.16
C TYR A 60 -2.90 -7.89 -9.64
N ALA A 61 -2.47 -6.66 -9.92
CA ALA A 61 -3.30 -5.73 -10.64
C ALA A 61 -3.53 -6.22 -12.06
N ASP A 62 -4.71 -5.91 -12.61
CA ASP A 62 -5.00 -6.31 -13.98
C ASP A 62 -4.02 -5.69 -14.97
N SER A 63 -3.47 -4.51 -14.64
CA SER A 63 -2.51 -3.87 -15.52
C SER A 63 -1.28 -4.73 -15.75
N VAL A 64 -0.87 -5.51 -14.76
CA VAL A 64 0.41 -6.22 -14.79
C VAL A 64 0.26 -7.72 -14.88
N LYS A 65 -0.97 -8.24 -14.94
CA LYS A 65 -1.16 -9.69 -15.05
C LYS A 65 -0.53 -10.20 -16.34
N GLY A 66 0.04 -11.40 -16.26
CA GLY A 66 0.73 -11.99 -17.40
C GLY A 66 2.06 -11.36 -17.76
N ARG A 67 2.48 -10.31 -17.05
CA ARG A 67 3.77 -9.68 -17.31
C ARG A 67 4.67 -9.60 -16.08
N PHE A 68 4.10 -9.30 -14.92
CA PHE A 68 4.86 -9.15 -13.69
C PHE A 68 4.71 -10.41 -12.83
N THR A 69 5.74 -10.69 -12.05
CA THR A 69 5.76 -11.82 -11.14
C THR A 69 6.33 -11.36 -9.80
N ILE A 70 5.49 -11.33 -8.77
CA ILE A 70 5.99 -11.08 -7.43
C ILE A 70 6.58 -12.36 -6.88
N SER A 71 7.60 -12.23 -6.04
CA SER A 71 8.37 -13.38 -5.58
C SER A 71 9.05 -13.02 -4.27
N ARG A 72 9.61 -14.03 -3.61
CA ARG A 72 10.07 -13.81 -2.24
C ARG A 72 11.01 -14.90 -1.73
N ASP A 73 12.17 -14.50 -1.22
CA ASP A 73 13.16 -15.41 -0.62
C ASP A 73 13.22 -15.08 0.87
N ASN A 74 12.64 -15.96 1.69
CA ASN A 74 12.57 -15.70 3.13
C ASN A 74 13.87 -16.03 3.84
N SER A 75 14.67 -16.94 3.29
CA SER A 75 15.99 -17.18 3.86
C SER A 75 16.94 -16.03 3.58
N LYS A 76 16.66 -15.21 2.58
CA LYS A 76 17.46 -14.05 2.25
C LYS A 76 16.81 -12.74 2.65
N ASN A 77 15.63 -12.79 3.27
CA ASN A 77 14.90 -11.59 3.69
C ASN A 77 14.71 -10.61 2.53
N THR A 78 14.31 -11.14 1.36
CA THR A 78 14.26 -10.32 0.17
C THR A 78 12.96 -10.54 -0.59
N LEU A 79 12.41 -9.45 -1.10
CA LEU A 79 11.20 -9.46 -1.92
C LEU A 79 11.57 -9.05 -3.34
N TYR A 80 11.09 -9.81 -4.33
CA TYR A 80 11.42 -9.57 -5.71
C TYR A 80 10.17 -9.23 -6.52
N LEU A 81 10.36 -8.40 -7.54
CA LEU A 81 9.35 -8.12 -8.54
C LEU A 81 10.01 -8.28 -9.90
N GLN A 82 9.66 -9.34 -10.61
CA GLN A 82 10.15 -9.58 -11.97
C GLN A 82 9.22 -8.91 -12.96
N MET A 83 9.77 -8.11 -13.87
CA MET A 83 8.96 -7.35 -14.82
C MET A 83 9.39 -7.69 -16.24
N ASN A 84 8.50 -8.38 -16.93
CA ASN A 84 8.76 -8.73 -18.35
C ASN A 84 7.82 -7.90 -19.22
N SER A 85 8.13 -7.75 -20.49
CA SER A 85 7.32 -7.02 -21.46
C SER A 85 6.92 -5.64 -20.91
N LEU A 86 7.92 -4.90 -20.46
CA LEU A 86 7.67 -3.59 -19.89
C LEU A 86 7.19 -2.62 -20.96
N ARG A 87 6.13 -1.87 -20.66
CA ARG A 87 5.58 -0.87 -21.56
C ARG A 87 5.93 0.52 -21.06
N ALA A 88 5.78 1.51 -21.95
CA ALA A 88 6.02 2.91 -21.57
C ALA A 88 5.15 3.29 -20.37
N GLU A 89 3.94 2.74 -20.29
CA GLU A 89 3.04 3.03 -19.19
C GLU A 89 3.57 2.54 -17.85
N ASP A 90 4.51 1.60 -17.86
CA ASP A 90 5.06 1.04 -16.63
C ASP A 90 6.13 1.92 -16.00
N THR A 91 6.49 3.04 -16.61
CA THR A 91 7.47 3.95 -16.05
C THR A 91 6.95 4.57 -14.76
N ALA A 92 7.71 4.43 -13.67
CA ALA A 92 7.25 4.91 -12.38
C ALA A 92 8.32 4.66 -11.33
N VAL A 93 8.17 5.34 -10.19
CA VAL A 93 8.87 4.93 -8.97
C VAL A 93 8.13 3.74 -8.39
N TYR A 94 8.83 2.64 -8.19
CA TYR A 94 8.24 1.44 -7.62
C TYR A 94 8.61 1.37 -6.14
N PHE A 95 7.61 1.08 -5.31
CA PHE A 95 7.71 1.17 -3.86
C PHE A 95 7.52 -0.22 -3.27
N CYS A 96 8.41 -0.59 -2.35
CA CYS A 96 8.20 -1.74 -1.50
C CYS A 96 7.35 -1.35 -0.31
N ALA A 97 6.48 -2.26 0.13
CA ALA A 97 5.62 -1.97 1.27
C ALA A 97 5.31 -3.24 2.04
N LYS A 98 5.15 -3.09 3.35
CA LYS A 98 4.92 -4.18 4.28
C LYS A 98 3.48 -4.15 4.78
N ASP A 99 2.90 -5.32 4.98
CA ASP A 99 1.55 -5.42 5.51
C ASP A 99 1.57 -5.21 7.01
N LYS A 100 0.65 -4.36 7.50
CA LYS A 100 0.44 -4.23 8.94
C LYS A 100 -0.32 -5.42 9.50
N ILE A 101 -1.23 -5.99 8.71
CA ILE A 101 -2.09 -7.07 9.17
C ILE A 101 -1.26 -8.33 9.41
N LEU A 102 -1.70 -9.14 10.37
CA LEU A 102 -1.00 -10.35 10.79
C LEU A 102 -1.32 -11.56 9.91
N TRP A 103 -1.87 -11.37 8.71
CA TRP A 103 -2.17 -12.50 7.83
C TRP A 103 -2.41 -11.96 6.43
N PHE A 104 -2.46 -12.88 5.47
CA PHE A 104 -2.76 -12.51 4.09
C PHE A 104 -4.17 -11.94 4.00
N GLY A 105 -4.37 -11.08 3.00
CA GLY A 105 -5.64 -10.42 2.81
C GLY A 105 -5.46 -8.99 2.35
N GLU A 106 -6.57 -8.27 2.16
CA GLU A 106 -6.51 -6.89 1.67
C GLU A 106 -5.65 -6.04 2.61
N PRO A 107 -4.57 -5.45 2.13
CA PRO A 107 -3.56 -4.88 3.03
C PRO A 107 -3.68 -3.39 3.32
N VAL A 108 -3.15 -3.00 4.48
CA VAL A 108 -2.79 -1.63 4.80
C VAL A 108 -1.31 -1.63 5.15
N PHE A 109 -0.60 -0.59 4.75
CA PHE A 109 0.86 -0.60 4.76
C PHE A 109 1.41 0.30 5.85
N ASP A 110 2.11 -0.31 6.81
CA ASP A 110 2.71 0.43 7.92
C ASP A 110 4.17 0.79 7.69
N TYR A 111 4.83 0.18 6.71
CA TYR A 111 6.21 0.51 6.38
C TYR A 111 6.41 0.46 4.87
N TRP A 112 7.24 1.38 4.37
CA TRP A 112 7.50 1.51 2.95
C TRP A 112 9.00 1.60 2.71
N GLY A 113 9.44 1.06 1.58
CA GLY A 113 10.80 1.30 1.13
C GLY A 113 10.92 2.71 0.59
N GLN A 114 12.09 3.00 0.02
CA GLN A 114 12.36 4.35 -0.46
C GLN A 114 11.99 4.56 -1.91
N GLY A 115 11.84 3.49 -2.69
CA GLY A 115 11.44 3.60 -4.08
C GLY A 115 12.57 3.55 -5.08
N THR A 116 12.34 2.92 -6.23
CA THR A 116 13.31 2.83 -7.32
C THR A 116 12.67 3.30 -8.60
N LEU A 117 13.32 4.22 -9.31
CA LEU A 117 12.77 4.71 -10.56
C LEU A 117 13.01 3.68 -11.66
N VAL A 118 11.94 3.29 -12.34
CA VAL A 118 11.99 2.43 -13.52
C VAL A 118 11.53 3.27 -14.70
N THR A 119 12.37 3.36 -15.72
CA THR A 119 12.09 4.17 -16.91
C THR A 119 12.08 3.25 -18.12
N VAL A 120 10.96 3.24 -18.85
CA VAL A 120 10.80 2.42 -20.03
C VAL A 120 10.87 3.35 -21.24
N SER A 121 11.94 3.22 -22.01
CA SER A 121 12.24 4.19 -23.06
C SER A 121 13.16 3.56 -24.09
N SER A 122 13.07 4.06 -25.32
CA SER A 122 14.00 3.68 -26.38
C SER A 122 15.27 4.51 -26.37
N ALA A 123 15.32 5.59 -25.58
CA ALA A 123 16.49 6.44 -25.54
C ALA A 123 17.65 5.72 -24.87
N SER A 124 18.86 6.15 -25.22
CA SER A 124 20.08 5.61 -24.67
C SER A 124 20.61 6.48 -23.54
N THR A 125 21.41 5.89 -22.68
CA THR A 125 21.93 6.58 -21.51
C THR A 125 22.98 7.61 -21.92
N LYS A 126 22.81 8.83 -21.42
CA LYS A 126 23.85 9.85 -21.56
C LYS A 126 24.19 10.43 -20.20
N GLY A 127 25.48 10.60 -19.95
CA GLY A 127 25.96 11.19 -18.72
C GLY A 127 25.95 12.70 -18.79
N PRO A 128 25.86 13.35 -17.64
CA PRO A 128 25.75 14.81 -17.61
C PRO A 128 27.12 15.50 -17.66
N SER A 129 27.06 16.79 -17.98
CA SER A 129 28.13 17.73 -17.70
C SER A 129 27.68 18.64 -16.57
N VAL A 130 28.64 19.19 -15.83
CA VAL A 130 28.35 20.02 -14.67
C VAL A 130 29.17 21.29 -14.73
N PHE A 131 28.55 22.42 -14.39
CA PHE A 131 29.19 23.73 -14.47
C PHE A 131 28.99 24.54 -13.19
N THR A 144 24.21 38.76 0.87
CA THR A 144 23.97 37.36 0.56
C THR A 144 24.31 37.06 -0.91
N ALA A 145 24.94 35.92 -1.15
CA ALA A 145 25.37 35.53 -2.49
C ALA A 145 24.83 34.14 -2.83
N ALA A 146 24.73 33.87 -4.13
CA ALA A 146 24.21 32.61 -4.62
C ALA A 146 25.22 31.96 -5.55
N LEU A 147 25.36 30.64 -5.44
CA LEU A 147 26.27 29.87 -6.26
C LEU A 147 25.72 28.47 -6.44
N GLY A 148 26.23 27.77 -7.44
CA GLY A 148 25.73 26.42 -7.68
C GLY A 148 26.32 25.67 -8.86
N CYS A 149 25.57 24.69 -9.36
CA CYS A 149 26.04 23.83 -10.42
C CYS A 149 24.91 23.61 -11.42
N LEU A 150 25.27 23.59 -12.71
CA LEU A 150 24.33 23.26 -13.78
C LEU A 150 24.60 21.84 -14.25
N VAL A 151 23.72 20.92 -13.89
CA VAL A 151 23.79 19.53 -14.31
C VAL A 151 23.00 19.42 -15.61
N LYS A 152 23.70 19.33 -16.73
CA LYS A 152 23.08 19.50 -18.04
C LYS A 152 23.15 18.24 -18.88
N ASP A 153 22.04 17.95 -19.56
CA ASP A 153 21.95 16.95 -20.63
C ASP A 153 22.28 15.55 -20.16
N TYR A 154 21.35 14.92 -19.44
CA TYR A 154 21.51 13.52 -19.05
C TYR A 154 20.21 12.77 -19.27
N PHE A 155 20.32 11.44 -19.37
CA PHE A 155 19.16 10.56 -19.45
C PHE A 155 19.60 9.18 -19.00
N PRO A 156 18.77 8.43 -18.25
CA PRO A 156 17.48 8.90 -17.72
C PRO A 156 17.65 9.57 -16.36
N GLU A 157 16.54 9.88 -15.72
CA GLU A 157 16.58 10.27 -14.33
C GLU A 157 16.85 9.03 -13.47
N PRO A 158 17.28 9.21 -12.21
CA PRO A 158 17.49 10.43 -11.44
C PRO A 158 18.95 10.86 -11.38
N VAL A 159 19.19 11.99 -10.72
CA VAL A 159 20.54 12.46 -10.42
C VAL A 159 20.57 12.81 -8.95
N THR A 160 21.78 12.82 -8.39
CA THR A 160 21.98 13.11 -6.98
C THR A 160 23.00 14.22 -6.83
N VAL A 161 22.64 15.27 -6.10
CA VAL A 161 23.50 16.43 -5.93
C VAL A 161 23.59 16.75 -4.45
N SER A 162 24.77 16.54 -3.86
CA SER A 162 25.06 17.02 -2.52
C SER A 162 26.10 18.13 -2.58
N TRP A 163 26.34 18.76 -1.44
CA TRP A 163 27.29 19.86 -1.36
C TRP A 163 28.32 19.54 -0.30
N ASN A 164 29.60 19.53 -0.71
CA ASN A 164 30.73 19.26 0.19
C ASN A 164 30.60 17.89 0.83
N SER A 165 30.26 16.90 0.01
CA SER A 165 30.11 15.51 0.43
C SER A 165 29.11 15.34 1.56
N GLY A 166 28.24 16.32 1.77
CA GLY A 166 27.15 16.22 2.72
C GLY A 166 27.19 17.22 3.87
N ALA A 167 28.20 18.09 3.96
CA ALA A 167 28.30 18.98 5.11
C ALA A 167 27.39 20.20 4.99
N LEU A 168 27.17 20.69 3.78
CA LEU A 168 26.34 21.88 3.55
C LEU A 168 24.93 21.44 3.18
N THR A 169 23.99 21.64 4.10
CA THR A 169 22.58 21.33 3.85
C THR A 169 21.70 22.56 3.93
N SER A 170 21.94 23.46 4.88
CA SER A 170 21.08 24.62 5.04
C SER A 170 21.24 25.59 3.87
N GLY A 171 20.12 26.04 3.33
CA GLY A 171 20.15 26.97 2.21
C GLY A 171 20.43 26.35 0.87
N VAL A 172 20.28 25.02 0.74
CA VAL A 172 20.50 24.32 -0.51
C VAL A 172 19.17 24.15 -1.23
N HIS A 173 19.18 24.26 -2.54
CA HIS A 173 17.98 24.10 -3.35
C HIS A 173 18.35 23.35 -4.63
N THR A 174 17.89 22.11 -4.74
CA THR A 174 18.07 21.30 -5.94
C THR A 174 16.71 21.23 -6.65
N PHE A 175 16.59 21.95 -7.75
CA PHE A 175 15.30 22.09 -8.42
C PHE A 175 14.96 20.84 -9.22
N PRO A 176 13.68 20.57 -9.42
CA PRO A 176 13.30 19.47 -10.31
C PRO A 176 13.89 19.68 -11.70
N ALA A 177 14.33 18.59 -12.31
CA ALA A 177 14.90 18.67 -13.65
C ALA A 177 13.82 19.06 -14.67
N VAL A 178 14.28 19.59 -15.80
CA VAL A 178 13.41 19.89 -16.93
C VAL A 178 13.80 18.98 -18.08
N LEU A 179 12.81 18.57 -18.86
CA LEU A 179 13.04 17.72 -20.03
C LEU A 179 13.17 18.63 -21.26
N GLN A 180 14.40 18.79 -21.75
CA GLN A 180 14.62 19.65 -22.90
C GLN A 180 14.10 18.99 -24.17
N SER A 181 13.94 19.80 -25.22
CA SER A 181 13.40 19.31 -26.48
C SER A 181 14.30 18.22 -27.08
N SER A 182 15.59 18.26 -26.80
CA SER A 182 16.50 17.22 -27.28
C SER A 182 16.19 15.86 -26.68
N GLY A 183 15.38 15.79 -25.64
CA GLY A 183 15.11 14.55 -24.95
C GLY A 183 15.97 14.31 -23.72
N LEU A 184 16.84 15.26 -23.39
CA LEU A 184 17.72 15.14 -22.23
C LEU A 184 17.22 16.03 -21.11
N TYR A 185 17.39 15.57 -19.88
CA TYR A 185 17.07 16.35 -18.70
C TYR A 185 18.23 17.25 -18.32
N SER A 186 17.89 18.34 -17.63
CA SER A 186 18.85 19.26 -17.05
C SER A 186 18.28 19.79 -15.75
N LEU A 187 19.13 19.93 -14.73
CA LEU A 187 18.71 20.58 -13.49
C LEU A 187 19.85 21.44 -12.97
N SER A 188 19.50 22.31 -12.01
CA SER A 188 20.45 23.20 -11.37
C SER A 188 20.31 23.09 -9.86
N SER A 189 21.43 23.19 -9.17
CA SER A 189 21.48 23.16 -7.71
C SER A 189 22.16 24.43 -7.23
N VAL A 190 21.53 25.15 -6.30
CA VAL A 190 22.03 26.41 -5.81
C VAL A 190 22.14 26.37 -4.28
N VAL A 191 22.89 27.33 -3.74
CA VAL A 191 22.98 27.51 -2.30
C VAL A 191 23.33 28.96 -2.01
N THR A 192 22.57 29.59 -1.10
CA THR A 192 22.87 30.94 -0.67
C THR A 192 23.79 30.93 0.54
N VAL A 193 24.80 31.79 0.51
CA VAL A 193 25.75 31.94 1.60
C VAL A 193 25.93 33.43 1.86
N PRO A 194 26.54 33.84 2.97
CA PRO A 194 26.86 35.26 3.13
C PRO A 194 27.81 35.73 2.04
N SER A 195 27.62 36.98 1.61
CA SER A 195 28.51 37.56 0.61
C SER A 195 29.96 37.54 1.07
N SER A 196 30.18 37.64 2.38
CA SER A 196 31.52 37.79 2.92
C SER A 196 32.30 36.49 2.98
N SER A 197 31.60 35.35 2.94
CA SER A 197 32.27 34.06 3.08
C SER A 197 32.85 33.53 1.77
N LEU A 198 32.73 34.29 0.68
CA LEU A 198 33.16 33.80 -0.63
C LEU A 198 34.67 33.63 -0.73
N GLY A 199 35.44 34.23 0.18
CA GLY A 199 36.86 34.00 0.25
C GLY A 199 37.30 33.11 1.40
N THR A 200 36.38 32.43 2.08
CA THR A 200 36.71 31.66 3.28
C THR A 200 36.35 30.19 3.20
N GLN A 201 35.34 29.81 2.42
CA GLN A 201 34.84 28.44 2.40
C GLN A 201 35.02 27.84 1.02
N THR A 202 35.19 26.52 1.00
CA THR A 202 35.24 25.75 -0.23
C THR A 202 33.86 25.17 -0.49
N TYR A 203 33.27 25.52 -1.62
CA TYR A 203 31.96 25.02 -2.02
C TYR A 203 32.15 24.08 -3.20
N ILE A 204 31.99 22.79 -2.96
CA ILE A 204 32.08 21.75 -3.97
C ILE A 204 30.72 21.08 -4.08
N CYS A 205 30.27 20.87 -5.31
CA CYS A 205 29.04 20.14 -5.56
C CYS A 205 29.39 18.75 -6.10
N ASN A 206 28.74 17.74 -5.55
CA ASN A 206 28.98 16.34 -5.88
C ASN A 206 27.73 15.80 -6.57
N VAL A 207 27.87 15.48 -7.85
CA VAL A 207 26.79 14.96 -8.68
C VAL A 207 27.09 13.50 -9.00
N ASN A 208 26.07 12.66 -8.84
CA ASN A 208 26.15 11.25 -9.19
C ASN A 208 24.91 10.90 -10.02
N HIS A 209 25.15 10.47 -11.26
CA HIS A 209 24.09 9.99 -12.16
C HIS A 209 24.32 8.49 -12.34
N LYS A 210 23.83 7.72 -11.37
CA LYS A 210 24.02 6.27 -11.26
C LYS A 210 23.78 5.51 -12.56
N PRO A 211 22.74 5.81 -13.35
CA PRO A 211 22.53 5.07 -14.61
C PRO A 211 23.70 5.16 -15.58
N SER A 212 24.62 6.10 -15.39
CA SER A 212 25.79 6.23 -16.24
C SER A 212 27.10 6.11 -15.49
N ASN A 213 27.05 5.92 -14.16
CA ASN A 213 28.23 5.89 -13.30
C ASN A 213 29.11 7.11 -13.55
N THR A 214 28.51 8.27 -13.34
CA THR A 214 29.17 9.56 -13.52
C THR A 214 29.22 10.24 -12.16
N LYS A 215 30.35 10.15 -11.48
CA LYS A 215 30.62 10.95 -10.29
C LYS A 215 31.44 12.16 -10.71
N VAL A 216 30.90 13.35 -10.50
CA VAL A 216 31.60 14.59 -10.80
C VAL A 216 31.54 15.51 -9.59
N ASP A 217 32.69 15.98 -9.15
CA ASP A 217 32.76 17.06 -8.19
C ASP A 217 33.24 18.31 -8.92
N LYS A 218 32.52 19.41 -8.73
CA LYS A 218 32.93 20.69 -9.29
C LYS A 218 33.00 21.73 -8.18
N ARG A 219 34.09 22.49 -8.17
CA ARG A 219 34.38 23.45 -7.12
C ARG A 219 34.08 24.85 -7.64
N VAL A 220 32.97 25.43 -7.19
CA VAL A 220 32.44 26.69 -7.73
C VAL A 220 33.19 27.84 -7.08
N GLU A 221 34.19 28.38 -7.79
CA GLU A 221 35.00 29.52 -7.39
C GLU A 221 34.39 30.82 -7.92
N PRO A 222 34.43 31.91 -7.14
CA PRO A 222 34.02 33.23 -7.65
C PRO A 222 35.07 33.82 -8.58
N LYS B 1 -30.68 -32.98 25.55
CA LYS B 1 -31.76 -33.02 26.54
C LYS B 1 -32.30 -31.61 26.78
N ARG B 2 -33.64 -31.50 26.86
CA ARG B 2 -34.33 -30.24 26.66
C ARG B 2 -33.92 -29.63 25.32
N PHE B 3 -33.63 -30.50 24.36
CA PHE B 3 -33.12 -30.11 23.06
C PHE B 3 -34.07 -29.17 22.30
N PRO B 4 -35.38 -29.45 22.18
CA PRO B 4 -36.23 -28.56 21.35
C PRO B 4 -36.28 -27.13 21.84
N GLU B 5 -36.55 -26.92 23.13
CA GLU B 5 -36.60 -25.57 23.67
C GLU B 5 -35.21 -24.92 23.64
N THR B 6 -34.14 -25.72 23.69
CA THR B 6 -32.80 -25.16 23.54
C THR B 6 -32.59 -24.63 22.13
N VAL B 7 -32.99 -25.39 21.11
CA VAL B 7 -32.89 -24.90 19.73
C VAL B 7 -33.70 -23.62 19.58
N LEU B 8 -34.91 -23.60 20.13
CA LEU B 8 -35.75 -22.40 19.99
C LEU B 8 -35.15 -21.20 20.71
N ALA B 9 -34.63 -21.41 21.93
CA ALA B 9 -34.03 -20.31 22.67
C ALA B 9 -32.78 -19.78 21.98
N ARG B 10 -31.94 -20.69 21.44
CA ARG B 10 -30.75 -20.26 20.72
C ARG B 10 -31.12 -19.47 19.47
N CYS B 11 -32.10 -19.97 18.71
CA CYS B 11 -32.57 -19.26 17.52
C CYS B 11 -33.06 -17.86 17.87
N VAL B 12 -33.86 -17.74 18.93
CA VAL B 12 -34.40 -16.44 19.32
C VAL B 12 -33.29 -15.50 19.78
N LYS B 13 -32.30 -16.03 20.50
CA LYS B 13 -31.19 -15.18 20.94
C LYS B 13 -30.41 -14.69 19.73
N TYR B 14 -30.15 -15.58 18.77
CA TYR B 14 -29.45 -15.19 17.56
C TYR B 14 -30.26 -14.17 16.75
N THR B 15 -31.60 -14.26 16.79
CA THR B 15 -32.43 -13.24 16.14
C THR B 15 -32.09 -11.86 16.68
N GLU B 16 -31.95 -11.75 18.00
CA GLU B 16 -31.72 -10.45 18.61
C GLU B 16 -30.30 -9.95 18.36
N ILE B 17 -29.31 -10.84 18.50
CA ILE B 17 -27.94 -10.43 18.25
C ILE B 17 -27.78 -9.89 16.84
N HIS B 18 -28.44 -10.51 15.87
CA HIS B 18 -28.32 -10.12 14.46
C HIS B 18 -29.67 -9.66 13.92
N PRO B 19 -29.94 -8.34 13.86
CA PRO B 19 -31.18 -7.88 13.23
C PRO B 19 -31.18 -8.02 11.72
N GLU B 20 -30.17 -8.70 11.17
CA GLU B 20 -30.18 -9.13 9.78
C GLU B 20 -30.85 -10.48 9.63
N MET B 21 -30.61 -11.39 10.59
CA MET B 21 -31.35 -12.63 10.70
C MET B 21 -32.57 -12.48 11.61
N ARG B 22 -33.08 -11.25 11.76
CA ARG B 22 -34.39 -11.07 12.34
C ARG B 22 -35.49 -11.56 11.40
N HIS B 23 -35.19 -11.59 10.09
CA HIS B 23 -36.20 -12.02 9.09
C HIS B 23 -36.40 -13.54 9.12
N VAL B 24 -36.53 -14.12 10.32
CA VAL B 24 -36.51 -15.56 10.56
C VAL B 24 -37.61 -15.91 11.54
N ASP B 25 -38.43 -16.89 11.18
CA ASP B 25 -39.41 -17.50 12.08
C ASP B 25 -38.75 -18.71 12.73
N CYS B 26 -38.50 -18.62 14.04
CA CYS B 26 -37.74 -19.66 14.72
C CYS B 26 -38.55 -20.93 14.92
N GLN B 27 -39.89 -20.81 14.99
CA GLN B 27 -40.69 -22.02 14.96
C GLN B 27 -40.59 -22.71 13.60
N SER B 28 -40.48 -21.93 12.52
CA SER B 28 -40.22 -22.52 11.21
C SER B 28 -38.88 -23.24 11.20
N VAL B 29 -37.84 -22.60 11.74
CA VAL B 29 -36.51 -23.20 11.77
C VAL B 29 -36.55 -24.50 12.56
N TRP B 30 -37.22 -24.48 13.72
CA TRP B 30 -37.30 -25.70 14.52
C TRP B 30 -38.14 -26.77 13.81
N ASP B 31 -39.20 -26.37 13.12
CA ASP B 31 -39.99 -27.32 12.37
C ASP B 31 -39.14 -28.03 11.33
N ALA B 32 -38.28 -27.28 10.62
CA ALA B 32 -37.46 -27.91 9.59
C ALA B 32 -36.35 -28.76 10.20
N PHE B 33 -35.70 -28.26 11.25
CA PHE B 33 -34.71 -29.05 11.98
C PHE B 33 -35.32 -30.36 12.45
N LYS B 34 -36.54 -30.31 12.96
CA LYS B 34 -37.23 -31.51 13.45
C LYS B 34 -37.55 -32.45 12.29
N GLY B 35 -38.17 -31.92 11.23
CA GLY B 35 -38.47 -32.71 10.05
C GLY B 35 -37.26 -33.32 9.38
N ALA B 36 -36.06 -32.84 9.71
CA ALA B 36 -34.85 -33.47 9.20
C ALA B 36 -34.71 -34.91 9.70
N PHE B 37 -34.79 -35.13 11.02
CA PHE B 37 -34.33 -36.39 11.60
C PHE B 37 -35.40 -37.22 12.30
N ILE B 38 -36.57 -36.66 12.61
CA ILE B 38 -37.52 -37.40 13.44
C ILE B 38 -38.28 -38.43 12.60
N SER B 39 -38.58 -39.57 13.22
CA SER B 39 -39.28 -40.73 12.65
C SER B 39 -38.44 -41.47 11.63
N LYS B 40 -37.19 -41.08 11.44
CA LYS B 40 -36.27 -41.78 10.55
C LYS B 40 -35.34 -42.66 11.37
N HIS B 41 -34.84 -43.71 10.73
CA HIS B 41 -33.81 -44.53 11.37
C HIS B 41 -32.51 -43.74 11.43
N PRO B 42 -31.88 -43.63 12.61
CA PRO B 42 -30.77 -42.67 12.77
C PRO B 42 -29.46 -43.11 12.11
N CYS B 43 -29.52 -44.05 11.18
CA CYS B 43 -28.34 -44.43 10.41
C CYS B 43 -28.58 -44.28 8.91
N ASN B 44 -29.75 -43.79 8.50
CA ASN B 44 -30.09 -43.55 7.11
C ASN B 44 -30.23 -42.07 6.78
N ILE B 45 -29.76 -41.18 7.66
CA ILE B 45 -29.92 -39.74 7.43
C ILE B 45 -29.04 -39.32 6.27
N THR B 46 -29.65 -38.74 5.24
CA THR B 46 -28.93 -38.18 4.10
C THR B 46 -28.74 -36.69 4.31
N GLU B 47 -28.14 -36.04 3.31
CA GLU B 47 -27.95 -34.59 3.37
C GLU B 47 -29.17 -33.83 2.90
N GLU B 48 -29.94 -34.37 1.95
CA GLU B 48 -31.18 -33.72 1.55
C GLU B 48 -32.23 -33.78 2.65
N ASP B 49 -32.06 -34.67 3.63
CA ASP B 49 -32.90 -34.62 4.82
C ASP B 49 -32.80 -33.27 5.52
N TYR B 50 -31.64 -32.61 5.43
CA TYR B 50 -31.40 -31.36 6.14
C TYR B 50 -31.53 -30.14 5.24
N GLN B 51 -31.81 -30.32 3.95
CA GLN B 51 -31.78 -29.18 3.03
C GLN B 51 -32.83 -28.11 3.33
N PRO B 52 -34.06 -28.42 3.75
CA PRO B 52 -34.98 -27.33 4.14
C PRO B 52 -34.40 -26.45 5.25
N LEU B 53 -33.77 -27.06 6.25
CA LEU B 53 -33.10 -26.28 7.29
C LEU B 53 -31.99 -25.44 6.70
N MET B 54 -31.24 -25.99 5.74
CA MET B 54 -30.16 -25.23 5.10
C MET B 54 -30.71 -24.02 4.35
N LYS B 55 -31.88 -24.18 3.71
CA LYS B 55 -32.47 -23.07 2.97
C LYS B 55 -32.99 -22.00 3.91
N LEU B 56 -33.61 -22.41 5.02
CA LEU B 56 -34.02 -21.43 6.03
C LEU B 56 -32.82 -20.79 6.72
N GLY B 57 -31.64 -21.41 6.64
CA GLY B 57 -30.50 -20.92 7.38
C GLY B 57 -29.42 -20.21 6.57
N THR B 58 -29.53 -20.24 5.24
CA THR B 58 -28.54 -19.57 4.41
C THR B 58 -28.50 -18.09 4.75
N GLN B 59 -27.30 -17.53 4.76
CA GLN B 59 -27.06 -16.32 5.54
C GLN B 59 -26.03 -15.44 4.86
N THR B 60 -26.42 -14.20 4.56
CA THR B 60 -25.51 -13.19 4.07
C THR B 60 -24.29 -13.05 4.97
N VAL B 61 -23.12 -13.43 4.48
CA VAL B 61 -21.93 -13.38 5.33
C VAL B 61 -20.71 -12.96 4.50
N PRO B 62 -19.90 -11.99 4.99
CA PRO B 62 -18.67 -11.61 4.28
C PRO B 62 -17.77 -12.80 4.01
N CYS B 63 -17.86 -13.32 2.79
CA CYS B 63 -17.17 -14.54 2.37
C CYS B 63 -15.65 -14.44 2.46
N ASN B 64 -15.10 -13.24 2.51
CA ASN B 64 -13.65 -13.06 2.57
C ASN B 64 -13.13 -12.96 3.99
N LYS B 65 -13.97 -13.22 5.00
CA LYS B 65 -13.59 -13.16 6.40
C LYS B 65 -14.01 -14.42 7.13
N ILE B 66 -13.86 -15.57 6.48
CA ILE B 66 -14.23 -16.86 7.05
C ILE B 66 -12.99 -17.51 7.66
N LEU B 67 -13.11 -17.98 8.89
CA LEU B 67 -12.04 -18.71 9.57
C LEU B 67 -12.51 -20.13 9.82
N LEU B 68 -12.01 -21.07 9.01
CA LEU B 68 -12.18 -22.47 9.31
C LEU B 68 -11.21 -22.88 10.40
N TRP B 69 -11.42 -24.09 10.95
CA TRP B 69 -10.50 -24.63 11.94
C TRP B 69 -10.66 -26.14 12.01
N SER B 70 -9.62 -26.79 12.53
CA SER B 70 -9.61 -28.24 12.70
C SER B 70 -8.89 -28.55 14.02
N ARG B 71 -9.66 -28.91 15.04
CA ARG B 71 -9.14 -29.39 16.31
C ARG B 71 -8.53 -28.26 17.15
N ILE B 72 -9.22 -27.11 17.14
CA ILE B 72 -8.77 -25.91 17.91
C ILE B 72 -9.95 -25.01 18.31
N LYS B 73 -11.15 -25.59 18.40
CA LYS B 73 -12.39 -24.81 18.52
C LYS B 73 -12.20 -23.58 19.41
N ASP B 74 -11.54 -23.76 20.55
CA ASP B 74 -11.54 -22.75 21.60
C ASP B 74 -10.74 -21.52 21.20
N LEU B 75 -9.51 -21.70 20.72
CA LEU B 75 -8.70 -20.55 20.34
C LEU B 75 -9.24 -19.87 19.09
N ALA B 76 -9.82 -20.63 18.16
CA ALA B 76 -10.46 -20.01 17.01
C ALA B 76 -11.61 -19.11 17.42
N HIS B 77 -12.41 -19.56 18.40
CA HIS B 77 -13.50 -18.71 18.86
C HIS B 77 -12.98 -17.51 19.64
N GLN B 78 -11.96 -17.71 20.48
CA GLN B 78 -11.28 -16.58 21.12
C GLN B 78 -10.84 -15.55 20.09
N PHE B 79 -10.29 -16.01 18.98
CA PHE B 79 -9.82 -15.11 17.93
C PHE B 79 -11.00 -14.34 17.33
N THR B 80 -11.98 -15.06 16.80
CA THR B 80 -13.10 -14.40 16.14
C THR B 80 -13.90 -13.52 17.08
N GLN B 81 -13.67 -13.62 18.39
CA GLN B 81 -14.30 -12.68 19.32
C GLN B 81 -13.43 -11.48 19.66
N VAL B 82 -12.20 -11.41 19.14
CA VAL B 82 -11.39 -10.21 19.22
C VAL B 82 -11.29 -9.51 17.86
N GLN B 83 -11.06 -10.28 16.80
CA GLN B 83 -11.15 -9.75 15.43
C GLN B 83 -12.62 -9.88 15.00
N ARG B 84 -13.43 -8.92 15.44
CA ARG B 84 -14.88 -9.03 15.41
C ARG B 84 -15.48 -9.05 14.01
N ASP B 85 -14.68 -9.02 12.95
CA ASP B 85 -15.23 -9.07 11.59
C ASP B 85 -14.95 -10.39 10.90
N MET B 86 -14.39 -11.38 11.60
CA MET B 86 -14.17 -12.71 11.06
C MET B 86 -15.07 -13.71 11.77
N PHE B 87 -15.39 -14.79 11.07
CA PHE B 87 -16.44 -15.70 11.51
C PHE B 87 -16.00 -17.15 11.35
N THR B 88 -16.33 -17.97 12.34
CA THR B 88 -16.23 -19.42 12.22
C THR B 88 -17.59 -19.99 11.84
N LEU B 89 -17.61 -21.29 11.57
CA LEU B 89 -18.87 -22.00 11.32
C LEU B 89 -19.86 -21.75 12.45
N GLU B 90 -19.37 -21.80 13.69
CA GLU B 90 -20.20 -21.67 14.88
C GLU B 90 -20.68 -20.25 15.13
N ASP B 91 -20.37 -19.31 14.23
CA ASP B 91 -20.90 -17.95 14.29
C ASP B 91 -22.07 -17.76 13.33
N THR B 92 -22.52 -18.83 12.68
CA THR B 92 -23.66 -18.86 11.77
C THR B 92 -24.93 -19.12 12.58
N LEU B 93 -26.10 -18.94 11.95
CA LEU B 93 -27.35 -19.37 12.55
C LEU B 93 -27.28 -20.84 12.98
N LEU B 94 -26.95 -21.72 12.03
CA LEU B 94 -27.06 -23.15 12.29
C LEU B 94 -25.93 -23.66 13.17
N GLY B 95 -24.71 -23.18 12.93
CA GLY B 95 -23.59 -23.54 13.80
C GLY B 95 -23.84 -23.12 15.23
N TYR B 96 -24.24 -21.85 15.43
CA TYR B 96 -24.65 -21.39 16.75
C TYR B 96 -25.81 -22.22 17.28
N LEU B 97 -26.66 -22.72 16.38
CA LEU B 97 -27.90 -23.37 16.76
C LEU B 97 -27.69 -24.77 17.30
N ALA B 98 -26.70 -25.49 16.77
CA ALA B 98 -26.51 -26.90 17.09
C ALA B 98 -25.22 -27.17 17.86
N ASP B 99 -24.48 -26.13 18.24
CA ASP B 99 -23.15 -26.33 18.81
C ASP B 99 -23.22 -27.07 20.14
N ASP B 100 -22.42 -28.13 20.25
CA ASP B 100 -22.26 -28.96 21.45
C ASP B 100 -23.53 -29.72 21.83
N LEU B 101 -24.51 -29.80 20.94
CA LEU B 101 -25.75 -30.52 21.22
C LEU B 101 -25.76 -31.89 20.54
N THR B 102 -26.61 -32.76 21.06
CA THR B 102 -26.80 -34.10 20.53
C THR B 102 -28.28 -34.36 20.34
N TRP B 103 -28.64 -35.08 19.28
CA TRP B 103 -30.04 -35.35 18.99
C TRP B 103 -30.13 -36.54 18.05
N CYS B 104 -31.25 -37.26 18.15
CA CYS B 104 -31.57 -38.33 17.21
C CYS B 104 -33.00 -38.76 17.42
N GLY B 105 -33.68 -39.15 16.33
CA GLY B 105 -35.02 -39.69 16.39
C GLY B 105 -35.01 -41.20 16.42
N GLU B 106 -36.18 -41.78 16.11
CA GLU B 106 -36.34 -43.23 16.06
C GLU B 106 -37.30 -43.55 14.93
N PHE B 107 -37.10 -44.69 14.29
CA PHE B 107 -38.03 -45.13 13.26
C PHE B 107 -39.36 -45.54 13.89
N ASN B 108 -40.45 -45.12 13.24
CA ASN B 108 -41.82 -45.49 13.58
C ASN B 108 -42.34 -44.80 14.84
N THR B 109 -41.72 -43.71 15.28
CA THR B 109 -42.27 -42.90 16.35
C THR B 109 -41.99 -41.42 16.07
N SER B 110 -42.80 -40.57 16.68
CA SER B 110 -42.54 -39.13 16.73
C SER B 110 -41.71 -38.75 17.95
N LYS B 111 -41.02 -39.71 18.56
CA LYS B 111 -40.34 -39.49 19.83
C LYS B 111 -38.88 -39.16 19.59
N ILE B 112 -38.41 -38.08 20.23
CA ILE B 112 -36.98 -37.81 20.28
C ILE B 112 -36.34 -38.77 21.27
N ASN B 113 -35.17 -39.30 20.91
CA ASN B 113 -34.48 -40.26 21.76
C ASN B 113 -33.56 -39.51 22.72
N TYR B 114 -33.90 -39.56 24.01
CA TYR B 114 -33.02 -39.09 25.06
C TYR B 114 -32.29 -40.23 25.75
N GLN B 115 -32.56 -41.48 25.34
CA GLN B 115 -31.90 -42.64 25.94
C GLN B 115 -30.47 -42.74 25.45
N SER B 116 -30.30 -42.95 24.14
CA SER B 116 -28.98 -43.06 23.53
C SER B 116 -29.11 -42.71 22.05
N CYS B 117 -28.00 -42.23 21.48
CA CYS B 117 -27.93 -41.83 20.09
C CYS B 117 -26.68 -42.46 19.47
N PRO B 118 -26.71 -42.75 18.17
CA PRO B 118 -25.60 -43.52 17.58
C PRO B 118 -24.28 -42.77 17.65
N ASP B 119 -23.24 -43.47 18.09
CA ASP B 119 -21.88 -42.94 18.00
C ASP B 119 -21.34 -43.13 16.59
N TRP B 120 -20.56 -42.15 16.13
CA TRP B 120 -20.13 -42.11 14.73
C TRP B 120 -19.15 -43.23 14.39
N ARG B 121 -18.37 -43.69 15.38
CA ARG B 121 -17.32 -44.70 15.06
C ARG B 121 -17.68 -46.09 15.59
N LYS B 122 -18.55 -46.21 16.60
CA LYS B 122 -18.92 -47.52 17.12
C LYS B 122 -20.19 -48.07 16.49
N ASP B 123 -21.06 -47.22 15.96
CA ASP B 123 -22.32 -47.69 15.41
C ASP B 123 -22.36 -47.49 13.90
N CYS B 124 -22.68 -46.26 13.47
CA CYS B 124 -22.77 -45.92 12.06
C CYS B 124 -22.36 -44.47 11.88
N SER B 125 -22.08 -44.10 10.63
CA SER B 125 -21.55 -42.77 10.35
C SER B 125 -22.61 -41.79 9.85
N ASN B 126 -23.74 -42.26 9.34
CA ASN B 126 -24.78 -41.36 8.84
C ASN B 126 -25.86 -41.14 9.90
N ASN B 127 -25.43 -40.69 11.06
CA ASN B 127 -26.36 -40.33 12.12
C ASN B 127 -26.80 -38.88 11.97
N PRO B 128 -27.89 -38.47 12.62
CA PRO B 128 -28.36 -37.08 12.47
C PRO B 128 -27.28 -36.03 12.68
N VAL B 129 -26.49 -36.14 13.73
CA VAL B 129 -25.57 -35.07 14.14
C VAL B 129 -24.44 -34.92 13.12
N SER B 130 -23.73 -36.02 12.85
CA SER B 130 -22.59 -35.98 11.95
C SER B 130 -22.99 -35.55 10.55
N VAL B 131 -24.17 -35.97 10.09
CA VAL B 131 -24.63 -35.57 8.77
C VAL B 131 -24.97 -34.09 8.76
N PHE B 132 -25.61 -33.59 9.81
CA PHE B 132 -25.85 -32.15 9.91
C PHE B 132 -24.54 -31.39 9.79
N TRP B 133 -23.52 -31.84 10.52
CA TRP B 133 -22.27 -31.09 10.55
C TRP B 133 -21.54 -31.17 9.22
N LYS B 134 -21.50 -32.37 8.62
CA LYS B 134 -21.05 -32.52 7.25
C LYS B 134 -21.73 -31.51 6.32
N THR B 135 -23.06 -31.42 6.42
CA THR B 135 -23.82 -30.55 5.52
C THR B 135 -23.46 -29.09 5.71
N VAL B 136 -23.49 -28.61 6.95
CA VAL B 136 -23.24 -27.19 7.18
C VAL B 136 -21.80 -26.84 6.88
N SER B 137 -20.86 -27.75 7.13
CA SER B 137 -19.47 -27.47 6.77
C SER B 137 -19.31 -27.39 5.26
N ARG B 138 -19.98 -28.28 4.51
CA ARG B 138 -19.95 -28.18 3.06
C ARG B 138 -20.45 -26.82 2.60
N ARG B 139 -21.62 -26.41 3.07
CA ARG B 139 -22.20 -25.15 2.59
C ARG B 139 -21.33 -23.96 3.00
N PHE B 140 -20.83 -23.96 4.24
CA PHE B 140 -19.94 -22.91 4.71
C PHE B 140 -18.71 -22.79 3.83
N ALA B 141 -18.08 -23.92 3.51
CA ALA B 141 -16.90 -23.86 2.63
C ALA B 141 -17.28 -23.40 1.24
N GLU B 142 -18.47 -23.78 0.76
CA GLU B 142 -18.93 -23.36 -0.56
C GLU B 142 -19.20 -21.86 -0.63
N ALA B 143 -19.44 -21.22 0.51
CA ALA B 143 -19.64 -19.78 0.50
C ALA B 143 -18.34 -18.98 0.48
N ALA B 144 -17.23 -19.57 0.92
CA ALA B 144 -16.00 -18.84 1.16
C ALA B 144 -15.47 -18.22 -0.13
N CYS B 145 -14.72 -17.14 0.01
CA CYS B 145 -14.14 -16.49 -1.15
C CYS B 145 -12.80 -15.86 -0.80
N ASP B 146 -12.07 -15.42 -1.84
CA ASP B 146 -10.84 -14.63 -1.73
C ASP B 146 -9.80 -15.41 -0.94
N VAL B 147 -9.32 -14.90 0.20
CA VAL B 147 -8.31 -15.56 1.02
C VAL B 147 -9.03 -16.21 2.19
N VAL B 148 -8.96 -17.53 2.25
CA VAL B 148 -9.64 -18.32 3.29
C VAL B 148 -8.60 -18.78 4.30
N HIS B 149 -8.86 -18.51 5.58
CA HIS B 149 -7.93 -18.87 6.64
C HIS B 149 -8.46 -20.07 7.40
N VAL B 150 -7.55 -21.00 7.71
CA VAL B 150 -7.87 -22.15 8.55
C VAL B 150 -6.83 -22.22 9.67
N MET B 151 -7.30 -22.40 10.89
CA MET B 151 -6.43 -22.48 12.05
C MET B 151 -6.27 -23.94 12.46
N LEU B 152 -5.04 -24.33 12.78
CA LEU B 152 -4.70 -25.71 13.06
C LEU B 152 -3.93 -25.83 14.36
N ASN B 153 -4.26 -26.86 15.16
CA ASN B 153 -3.56 -27.13 16.40
C ASN B 153 -2.23 -27.80 16.07
N GLY B 154 -1.13 -27.08 16.28
CA GLY B 154 0.18 -27.55 15.90
C GLY B 154 0.85 -28.45 16.92
N SER B 155 0.08 -28.90 17.91
CA SER B 155 0.52 -29.93 18.83
C SER B 155 -0.22 -31.25 18.67
N ARG B 156 -1.41 -31.22 18.07
CA ARG B 156 -1.98 -32.40 17.46
C ARG B 156 -0.89 -33.08 16.60
N SER B 157 -0.65 -34.38 16.81
CA SER B 157 0.41 -35.07 16.08
C SER B 157 0.04 -35.34 14.61
N LYS B 158 -1.13 -34.89 14.15
CA LYS B 158 -1.43 -34.79 12.72
C LYS B 158 -2.01 -33.39 12.52
N ILE B 159 -1.13 -32.41 12.30
CA ILE B 159 -1.56 -31.01 12.22
C ILE B 159 -2.64 -30.85 11.15
N PHE B 160 -2.50 -31.58 10.05
CA PHE B 160 -3.59 -31.74 9.09
C PHE B 160 -3.90 -33.22 8.97
N ASP B 161 -5.05 -33.62 9.50
CA ASP B 161 -5.57 -34.96 9.35
C ASP B 161 -6.56 -34.99 8.19
N LYS B 162 -6.36 -35.92 7.24
CA LYS B 162 -7.26 -36.02 6.10
C LYS B 162 -8.68 -36.35 6.55
N ASN B 163 -8.83 -37.34 7.41
CA ASN B 163 -10.14 -37.78 7.87
C ASN B 163 -10.78 -36.82 8.87
N SER B 164 -10.14 -35.67 9.13
CA SER B 164 -10.78 -34.58 9.85
C SER B 164 -12.06 -34.16 9.15
N THR B 165 -12.90 -33.38 9.84
CA THR B 165 -14.01 -32.76 9.13
C THR B 165 -13.49 -31.68 8.19
N PHE B 166 -12.57 -30.84 8.66
CA PHE B 166 -11.94 -29.86 7.79
C PHE B 166 -11.29 -30.53 6.59
N GLY B 167 -10.57 -31.63 6.83
CA GLY B 167 -9.91 -32.33 5.74
C GLY B 167 -10.89 -33.06 4.84
N SER B 168 -11.92 -33.69 5.42
CA SER B 168 -12.83 -34.52 4.63
C SER B 168 -13.73 -33.66 3.74
N VAL B 169 -14.41 -32.68 4.32
CA VAL B 169 -15.47 -31.97 3.63
C VAL B 169 -15.07 -30.53 3.28
N GLU B 170 -14.30 -29.87 4.15
CA GLU B 170 -14.12 -28.43 3.96
C GLU B 170 -13.06 -28.12 2.91
N VAL B 171 -12.01 -28.93 2.82
CA VAL B 171 -10.93 -28.66 1.87
C VAL B 171 -11.41 -28.87 0.44
N HIS B 172 -12.22 -29.91 0.21
CA HIS B 172 -12.65 -30.27 -1.13
C HIS B 172 -13.91 -29.53 -1.57
N ASN B 173 -14.40 -28.58 -0.79
CA ASN B 173 -15.60 -27.83 -1.15
C ASN B 173 -15.33 -26.32 -1.22
N LEU B 174 -14.08 -25.90 -1.08
CA LEU B 174 -13.72 -24.51 -1.37
C LEU B 174 -13.70 -24.33 -2.88
N GLN B 175 -14.40 -23.32 -3.36
CA GLN B 175 -14.65 -23.18 -4.80
C GLN B 175 -13.52 -22.40 -5.46
N PRO B 176 -12.80 -22.97 -6.43
CA PRO B 176 -11.71 -22.24 -7.09
C PRO B 176 -12.18 -21.03 -7.85
N GLU B 177 -13.49 -20.94 -8.15
CA GLU B 177 -14.01 -19.78 -8.86
C GLU B 177 -14.04 -18.55 -7.95
N LYS B 178 -14.23 -18.75 -6.64
CA LYS B 178 -14.28 -17.64 -5.69
C LYS B 178 -13.08 -17.54 -4.78
N VAL B 179 -12.39 -18.65 -4.49
CA VAL B 179 -11.27 -18.65 -3.57
C VAL B 179 -9.97 -18.63 -4.36
N GLN B 180 -9.10 -17.67 -4.04
CA GLN B 180 -7.77 -17.64 -4.65
C GLN B 180 -6.72 -18.28 -3.76
N THR B 181 -6.84 -18.11 -2.43
CA THR B 181 -5.80 -18.51 -1.52
C THR B 181 -6.40 -19.12 -0.25
N LEU B 182 -5.81 -20.22 0.20
CA LEU B 182 -6.06 -20.78 1.51
C LEU B 182 -4.77 -20.67 2.32
N GLU B 183 -4.82 -19.95 3.43
CA GLU B 183 -3.64 -19.70 4.25
C GLU B 183 -3.85 -20.33 5.63
N ALA B 184 -3.03 -21.32 5.95
CA ALA B 184 -3.09 -21.98 7.25
C ALA B 184 -2.32 -21.17 8.30
N TRP B 185 -2.82 -21.22 9.53
CA TRP B 185 -2.09 -20.75 10.70
C TRP B 185 -1.84 -21.96 11.59
N VAL B 186 -0.58 -22.25 11.85
CA VAL B 186 -0.19 -23.38 12.69
C VAL B 186 0.06 -22.84 14.09
N ILE B 187 -0.84 -23.15 15.02
CA ILE B 187 -0.73 -22.65 16.38
C ILE B 187 0.27 -23.51 17.15
N HIS B 188 1.23 -22.84 17.80
CA HIS B 188 2.24 -23.58 18.61
C HIS B 188 1.75 -23.69 20.04
N GLY B 189 1.22 -24.87 20.42
CA GLY B 189 0.83 -25.07 21.82
C GLY B 189 2.01 -25.59 22.61
N GLY B 190 3.14 -24.89 22.55
CA GLY B 190 4.37 -25.34 23.23
C GLY B 190 5.10 -26.40 22.41
N ARG B 191 4.47 -26.89 21.33
CA ARG B 191 5.10 -27.98 20.58
C ARG B 191 6.11 -27.38 19.63
N GLU B 192 7.30 -27.98 19.52
CA GLU B 192 8.32 -27.50 18.56
C GLU B 192 8.54 -26.03 18.84
N ASP B 193 8.98 -25.74 20.06
CA ASP B 193 9.22 -24.35 20.51
C ASP B 193 9.93 -23.55 19.41
N SER B 194 10.77 -24.16 18.57
CA SER B 194 11.64 -23.38 17.66
C SER B 194 11.46 -23.78 16.20
N ARG B 195 11.06 -25.02 15.93
CA ARG B 195 11.00 -25.50 14.55
C ARG B 195 9.88 -24.81 13.76
N ASP B 196 10.03 -24.82 12.44
CA ASP B 196 9.06 -24.25 11.51
C ASP B 196 8.04 -25.33 11.16
N LEU B 197 6.84 -25.24 11.75
CA LEU B 197 5.88 -26.34 11.65
C LEU B 197 5.12 -26.36 10.33
N CYS B 198 5.12 -25.25 9.57
CA CYS B 198 4.52 -25.29 8.23
C CYS B 198 5.27 -26.24 7.30
N GLN B 199 6.49 -26.63 7.67
CA GLN B 199 7.27 -27.63 6.95
C GLN B 199 6.89 -29.05 7.33
N ASP B 200 5.84 -29.23 8.13
CA ASP B 200 5.39 -30.56 8.51
C ASP B 200 4.88 -31.33 7.28
N PRO B 201 5.02 -32.65 7.27
CA PRO B 201 4.50 -33.44 6.13
C PRO B 201 3.01 -33.29 5.90
N THR B 202 2.21 -33.14 6.96
CA THR B 202 0.76 -33.01 6.75
C THR B 202 0.41 -31.64 6.16
N ILE B 203 1.13 -30.59 6.55
CA ILE B 203 0.92 -29.30 5.93
C ILE B 203 1.32 -29.35 4.46
N LYS B 204 2.38 -30.09 4.15
CA LYS B 204 2.77 -30.29 2.75
C LYS B 204 1.70 -31.07 1.99
N GLU B 205 1.07 -32.04 2.66
CA GLU B 205 -0.02 -32.77 2.05
C GLU B 205 -1.19 -31.85 1.72
N LEU B 206 -1.58 -31.02 2.68
CA LEU B 206 -2.65 -30.06 2.43
C LEU B 206 -2.28 -29.09 1.31
N GLU B 207 -1.00 -28.70 1.25
CA GLU B 207 -0.52 -27.87 0.15
C GLU B 207 -0.76 -28.54 -1.18
N SER B 208 -0.41 -29.82 -1.29
CA SER B 208 -0.62 -30.53 -2.55
C SER B 208 -2.11 -30.66 -2.87
N ILE B 209 -2.92 -30.99 -1.86
CA ILE B 209 -4.35 -31.21 -2.08
C ILE B 209 -5.02 -29.95 -2.59
N ILE B 210 -4.81 -28.83 -1.90
CA ILE B 210 -5.47 -27.59 -2.29
C ILE B 210 -4.90 -27.03 -3.59
N SER B 211 -3.72 -27.48 -4.00
CA SER B 211 -3.15 -27.05 -5.27
C SER B 211 -3.59 -27.90 -6.45
N LYS B 212 -4.03 -29.13 -6.19
CA LYS B 212 -4.72 -29.88 -7.23
C LYS B 212 -6.07 -29.27 -7.59
N ARG B 213 -6.59 -28.36 -6.76
CA ARG B 213 -7.89 -27.74 -6.96
C ARG B 213 -7.81 -26.33 -7.53
N ASN B 214 -6.64 -25.90 -8.00
CA ASN B 214 -6.44 -24.55 -8.53
C ASN B 214 -6.73 -23.48 -7.47
N ILE B 215 -6.11 -23.64 -6.30
CA ILE B 215 -6.20 -22.67 -5.21
C ILE B 215 -4.82 -22.53 -4.57
N GLN B 216 -4.38 -21.29 -4.37
CA GLN B 216 -3.06 -21.06 -3.79
C GLN B 216 -3.02 -21.50 -2.33
N PHE B 217 -1.86 -22.01 -1.91
CA PHE B 217 -1.65 -22.39 -0.52
C PHE B 217 -0.59 -21.51 0.11
N SER B 218 -0.94 -20.87 1.21
CA SER B 218 -0.02 -20.15 2.09
C SER B 218 -0.07 -20.79 3.47
N CYS B 219 0.92 -20.46 4.30
CA CYS B 219 1.01 -20.97 5.67
C CYS B 219 1.88 -20.04 6.49
N LYS B 220 1.67 -20.06 7.79
CA LYS B 220 2.31 -19.12 8.70
C LYS B 220 2.29 -19.68 10.11
N ASN B 221 3.44 -19.59 10.78
CA ASN B 221 3.53 -20.04 12.17
C ASN B 221 3.02 -18.96 13.11
N ILE B 222 2.42 -19.38 14.23
CA ILE B 222 2.12 -18.51 15.35
C ILE B 222 2.74 -19.13 16.58
N TYR B 223 3.84 -18.55 17.07
CA TYR B 223 4.65 -19.21 18.07
C TYR B 223 4.09 -19.01 19.47
N ARG B 224 3.67 -17.79 19.80
CA ARG B 224 3.12 -17.46 21.11
C ARG B 224 1.69 -16.95 20.93
N PRO B 225 0.69 -17.83 21.02
CA PRO B 225 -0.69 -17.42 20.70
C PRO B 225 -1.26 -16.38 21.65
N ASP B 226 -0.64 -16.13 22.80
CA ASP B 226 -1.22 -15.20 23.77
C ASP B 226 -1.11 -13.76 23.29
N LYS B 227 0.12 -13.27 23.08
CA LYS B 227 0.28 -11.91 22.58
C LYS B 227 -0.15 -11.77 21.12
N PHE B 228 -0.38 -12.89 20.43
CA PHE B 228 -1.02 -12.83 19.12
C PHE B 228 -2.38 -12.13 19.22
N LEU B 229 -3.12 -12.40 20.28
CA LEU B 229 -4.42 -11.78 20.50
C LEU B 229 -4.31 -10.45 21.22
N GLU C 1 -13.55 -2.48 -9.45
CA GLU C 1 -12.59 -1.69 -8.69
C GLU C 1 -13.30 -0.58 -7.93
N ILE C 2 -12.82 -0.28 -6.72
CA ILE C 2 -13.40 0.77 -5.90
C ILE C 2 -12.65 2.07 -6.16
N VAL C 3 -13.39 3.13 -6.47
CA VAL C 3 -12.80 4.43 -6.79
C VAL C 3 -12.88 5.32 -5.56
N LEU C 4 -11.74 5.88 -5.16
CA LEU C 4 -11.68 6.84 -4.08
C LEU C 4 -11.57 8.25 -4.66
N THR C 5 -12.50 9.12 -4.27
CA THR C 5 -12.53 10.50 -4.71
C THR C 5 -12.19 11.39 -3.52
N GLN C 6 -10.98 11.93 -3.50
CA GLN C 6 -10.62 12.90 -2.47
C GLN C 6 -11.05 14.29 -2.95
N SER C 7 -11.87 14.96 -2.14
CA SER C 7 -12.77 15.99 -2.65
C SER C 7 -12.16 17.38 -2.76
N PRO C 8 -11.43 17.88 -1.77
CA PRO C 8 -10.63 19.09 -2.03
C PRO C 8 -9.36 18.67 -2.75
N ALA C 9 -9.14 19.24 -3.94
CA ALA C 9 -7.92 18.94 -4.67
C ALA C 9 -6.70 19.54 -3.97
N THR C 10 -6.83 20.79 -3.54
CA THR C 10 -5.72 21.52 -2.94
C THR C 10 -6.21 22.18 -1.65
N LEU C 11 -5.25 22.68 -0.88
CA LEU C 11 -5.58 23.44 0.33
C LEU C 11 -4.40 24.30 0.74
N SER C 12 -4.66 25.57 0.97
CA SER C 12 -3.69 26.47 1.57
C SER C 12 -4.31 27.04 2.83
N LEU C 13 -3.78 26.66 3.99
CA LEU C 13 -4.25 27.11 5.28
C LEU C 13 -3.06 27.55 6.12
N SER C 14 -3.26 28.57 6.94
CA SER C 14 -2.20 29.10 7.78
C SER C 14 -1.96 28.19 8.98
N PRO C 15 -0.75 28.19 9.54
CA PRO C 15 -0.46 27.31 10.68
C PRO C 15 -1.36 27.65 11.87
N GLY C 16 -1.93 26.61 12.47
CA GLY C 16 -2.82 26.77 13.60
C GLY C 16 -4.29 26.53 13.28
N GLU C 17 -4.68 26.68 12.02
CA GLU C 17 -6.01 26.26 11.60
C GLU C 17 -6.07 24.74 11.54
N ARG C 18 -7.28 24.19 11.46
CA ARG C 18 -7.44 22.77 11.26
C ARG C 18 -7.80 22.48 9.82
N ALA C 19 -7.18 21.43 9.29
CA ALA C 19 -7.43 20.97 7.92
C ALA C 19 -8.46 19.86 7.95
N THR C 20 -9.47 19.98 7.10
CA THR C 20 -10.52 18.99 6.94
C THR C 20 -10.41 18.43 5.53
N LEU C 21 -9.99 17.16 5.41
CA LEU C 21 -9.79 16.53 4.11
C LEU C 21 -10.77 15.39 3.95
N SER C 22 -11.37 15.29 2.76
CA SER C 22 -12.45 14.35 2.52
C SER C 22 -12.01 13.22 1.60
N CYS C 23 -12.72 12.10 1.72
CA CYS C 23 -12.49 10.92 0.88
C CYS C 23 -13.80 10.18 0.74
N ARG C 24 -14.30 10.08 -0.50
CA ARG C 24 -15.57 9.46 -0.79
C ARG C 24 -15.33 8.15 -1.55
N ALA C 25 -16.15 7.14 -1.25
CA ALA C 25 -16.01 5.82 -1.83
C ALA C 25 -17.18 5.54 -2.78
N SER C 26 -16.89 4.83 -3.87
CA SER C 26 -17.93 4.54 -4.86
C SER C 26 -18.95 3.55 -4.32
N GLN C 27 -18.49 2.50 -3.66
CA GLN C 27 -19.33 1.61 -2.86
C GLN C 27 -18.82 1.63 -1.42
N SER C 28 -19.50 0.88 -0.55
CA SER C 28 -19.14 0.88 0.87
C SER C 28 -17.87 0.06 1.09
N VAL C 29 -16.90 0.67 1.77
CA VAL C 29 -15.72 -0.04 2.23
C VAL C 29 -15.74 -0.21 3.75
N SER C 30 -16.87 0.10 4.39
CA SER C 30 -17.09 -0.10 5.83
C SER C 30 -16.11 0.79 6.59
N SER C 31 -15.26 0.24 7.45
CA SER C 31 -14.23 1.00 8.13
C SER C 31 -12.86 0.83 7.49
N TYR C 32 -12.72 -0.05 6.49
CA TYR C 32 -11.43 -0.39 5.92
C TYR C 32 -10.87 0.75 5.07
N LEU C 33 -10.60 1.89 5.71
CA LEU C 33 -9.98 3.03 5.05
C LEU C 33 -8.87 3.58 5.92
N ALA C 34 -7.70 3.76 5.31
CA ALA C 34 -6.50 4.25 5.97
C ALA C 34 -6.04 5.54 5.30
N TRP C 35 -5.20 6.30 6.02
CA TRP C 35 -4.66 7.55 5.51
C TRP C 35 -3.13 7.50 5.49
N TYR C 36 -2.54 8.00 4.41
CA TYR C 36 -1.11 8.09 4.24
C TYR C 36 -0.73 9.53 3.94
N GLN C 37 0.45 9.91 4.43
CA GLN C 37 1.06 11.21 4.17
C GLN C 37 2.31 11.01 3.33
N GLN C 38 2.46 11.81 2.27
CA GLN C 38 3.64 11.74 1.41
C GLN C 38 4.21 13.14 1.25
N LYS C 39 5.43 13.33 1.74
CA LYS C 39 6.24 14.51 1.54
C LYS C 39 7.07 14.34 0.27
N PRO C 40 7.52 15.44 -0.34
CA PRO C 40 8.16 15.35 -1.65
C PRO C 40 9.40 14.44 -1.63
N GLY C 41 9.45 13.53 -2.61
CA GLY C 41 10.53 12.58 -2.71
C GLY C 41 10.47 11.41 -1.76
N GLN C 42 9.72 11.52 -0.66
CA GLN C 42 9.64 10.46 0.33
C GLN C 42 8.54 9.47 -0.01
N ALA C 43 8.58 8.34 0.66
CA ALA C 43 7.53 7.33 0.56
C ALA C 43 6.37 7.70 1.48
N PRO C 44 5.18 7.15 1.22
CA PRO C 44 4.05 7.42 2.13
C PRO C 44 4.36 7.03 3.57
N ARG C 45 3.83 7.82 4.50
CA ARG C 45 3.84 7.51 5.92
C ARG C 45 2.42 7.20 6.35
N LEU C 46 2.23 6.06 7.01
CA LEU C 46 0.90 5.69 7.49
C LEU C 46 0.48 6.61 8.63
N LEU C 47 -0.69 7.24 8.47
CA LEU C 47 -1.25 8.13 9.48
C LEU C 47 -2.35 7.45 10.28
N ILE C 48 -3.46 7.16 9.61
CA ILE C 48 -4.63 6.52 10.19
C ILE C 48 -4.86 5.23 9.41
N TYR C 49 -5.41 4.22 10.09
CA TYR C 49 -5.79 2.98 9.44
C TYR C 49 -7.13 2.50 10.00
N ASP C 50 -7.92 1.87 9.14
CA ASP C 50 -9.23 1.35 9.50
C ASP C 50 -10.08 2.43 10.15
N ALA C 51 -10.14 3.59 9.47
CA ALA C 51 -11.08 4.69 9.71
C ALA C 51 -10.64 5.63 10.82
N SER C 52 -10.40 5.13 12.02
CA SER C 52 -10.18 6.00 13.18
C SER C 52 -8.90 5.75 13.95
N ASN C 53 -8.26 4.60 13.80
CA ASN C 53 -7.08 4.26 14.59
C ASN C 53 -5.85 4.92 13.98
N ARG C 54 -5.16 5.76 14.76
CA ARG C 54 -3.91 6.35 14.30
C ARG C 54 -2.74 5.45 14.65
N ALA C 55 -1.78 5.36 13.74
CA ALA C 55 -0.68 4.42 13.89
C ALA C 55 0.35 4.94 14.89
N THR C 56 1.23 4.04 15.30
CA THR C 56 2.24 4.37 16.30
C THR C 56 3.18 5.46 15.79
N GLY C 57 3.42 6.45 16.64
CA GLY C 57 4.28 7.57 16.27
C GLY C 57 3.60 8.69 15.54
N ILE C 58 2.29 8.82 15.65
CA ILE C 58 1.51 9.82 14.93
C ILE C 58 0.96 10.82 15.94
N PRO C 59 1.10 12.12 15.71
CA PRO C 59 0.53 13.11 16.63
C PRO C 59 -0.98 12.93 16.79
N ALA C 60 -1.49 13.42 17.92
CA ALA C 60 -2.90 13.31 18.22
C ALA C 60 -3.75 14.34 17.48
N ARG C 61 -3.14 15.35 16.85
CA ARG C 61 -3.87 16.29 16.02
C ARG C 61 -4.24 15.69 14.67
N PHE C 62 -3.77 14.48 14.36
CA PHE C 62 -4.22 13.71 13.21
C PHE C 62 -5.31 12.76 13.68
N SER C 63 -6.51 12.89 13.13
CA SER C 63 -7.61 12.02 13.54
C SER C 63 -8.47 11.65 12.35
N GLY C 64 -8.98 10.42 12.35
CA GLY C 64 -9.81 9.95 11.26
C GLY C 64 -11.22 9.57 11.65
N SER C 65 -12.20 9.89 10.80
CA SER C 65 -13.59 9.57 11.08
C SER C 65 -14.29 9.12 9.80
N GLY C 66 -15.45 8.51 9.96
CA GLY C 66 -16.33 8.16 8.86
C GLY C 66 -16.46 6.66 8.69
N SER C 67 -17.31 6.29 7.74
CA SER C 67 -17.44 4.90 7.30
C SER C 67 -18.42 4.85 6.13
N GLY C 68 -18.77 3.61 5.77
CA GLY C 68 -19.63 3.40 4.59
C GLY C 68 -18.74 4.13 3.62
N THR C 69 -19.30 5.12 2.92
CA THR C 69 -18.72 5.74 1.75
C THR C 69 -18.12 7.11 2.00
N ASP C 70 -18.15 7.61 3.25
CA ASP C 70 -17.73 8.96 3.56
C ASP C 70 -16.69 8.94 4.67
N PHE C 71 -15.53 9.56 4.42
CA PHE C 71 -14.43 9.54 5.36
C PHE C 71 -13.76 10.91 5.41
N THR C 72 -13.25 11.25 6.58
CA THR C 72 -12.57 12.52 6.80
C THR C 72 -11.30 12.31 7.60
N LEU C 73 -10.23 12.97 7.17
CA LEU C 73 -9.05 13.17 7.99
C LEU C 73 -9.04 14.61 8.51
N THR C 74 -8.61 14.78 9.76
CA THR C 74 -8.55 16.06 10.43
C THR C 74 -7.13 16.31 10.92
N ILE C 75 -6.55 17.42 10.51
CA ILE C 75 -5.29 17.90 11.06
C ILE C 75 -5.62 19.09 11.94
N SER C 76 -5.70 18.85 13.25
CA SER C 76 -6.38 19.78 14.15
C SER C 76 -5.65 21.11 14.28
N SER C 77 -4.32 21.09 14.32
CA SER C 77 -3.54 22.33 14.49
C SER C 77 -2.33 22.27 13.57
N LEU C 78 -2.48 22.86 12.38
CA LEU C 78 -1.48 22.75 11.33
C LEU C 78 -0.12 23.26 11.79
N GLU C 79 0.93 22.65 11.24
CA GLU C 79 2.30 23.09 11.32
C GLU C 79 2.87 23.12 9.92
N PRO C 80 3.87 23.95 9.65
CA PRO C 80 4.47 23.99 8.31
C PRO C 80 5.08 22.66 7.87
N GLU C 81 5.47 21.80 8.82
CA GLU C 81 5.95 20.47 8.43
C GLU C 81 4.83 19.58 7.90
N ASP C 82 3.57 19.96 8.12
CA ASP C 82 2.45 19.18 7.63
C ASP C 82 2.25 19.28 6.13
N PHE C 83 3.05 20.10 5.43
CA PHE C 83 2.91 20.20 3.98
C PHE C 83 3.22 18.85 3.34
N ALA C 84 2.26 18.37 2.54
CA ALA C 84 2.36 17.06 1.90
C ALA C 84 1.14 16.80 1.03
N VAL C 85 1.16 15.67 0.33
CA VAL C 85 -0.04 15.13 -0.31
C VAL C 85 -0.53 13.97 0.54
N TYR C 86 -1.82 13.97 0.84
CA TYR C 86 -2.45 12.95 1.68
C TYR C 86 -3.36 12.08 0.83
N TYR C 87 -3.22 10.77 0.98
CA TYR C 87 -4.00 9.79 0.23
C TYR C 87 -4.81 8.94 1.19
N CYS C 88 -6.02 8.57 0.77
CA CYS C 88 -6.78 7.54 1.46
C CYS C 88 -6.65 6.23 0.69
N GLN C 89 -6.78 5.13 1.41
CA GLN C 89 -6.64 3.80 0.81
C GLN C 89 -7.67 2.86 1.42
N GLN C 90 -8.34 2.08 0.57
CA GLN C 90 -9.31 1.11 1.04
C GLN C 90 -8.74 -0.30 0.93
N ARG C 91 -9.22 -1.18 1.80
CA ARG C 91 -8.86 -2.60 1.79
C ARG C 91 -10.12 -3.44 2.02
N SER C 92 -11.23 -3.02 1.42
CA SER C 92 -12.46 -3.80 1.51
C SER C 92 -12.40 -5.03 0.62
N ASN C 93 -11.84 -4.89 -0.58
CA ASN C 93 -11.69 -6.02 -1.49
C ASN C 93 -10.63 -5.69 -2.53
N TRP C 94 -10.27 -6.71 -3.31
CA TRP C 94 -9.21 -6.63 -4.29
C TRP C 94 -9.71 -5.96 -5.58
N PRO C 95 -8.92 -5.05 -6.17
CA PRO C 95 -7.62 -4.64 -5.63
C PRO C 95 -7.72 -3.51 -4.61
N PRO C 96 -6.70 -3.36 -3.75
CA PRO C 96 -6.62 -2.15 -2.93
C PRO C 96 -6.46 -0.93 -3.83
N THR C 97 -7.03 0.19 -3.41
CA THR C 97 -7.04 1.38 -4.24
C THR C 97 -6.77 2.61 -3.41
N PHE C 98 -6.22 3.64 -4.08
CA PHE C 98 -5.88 4.91 -3.48
C PHE C 98 -6.71 6.02 -4.10
N GLY C 99 -6.85 7.12 -3.38
CA GLY C 99 -7.41 8.32 -3.95
C GLY C 99 -6.37 9.09 -4.74
N GLN C 100 -6.85 10.10 -5.48
CA GLN C 100 -5.93 10.94 -6.23
C GLN C 100 -5.09 11.84 -5.33
N GLY C 101 -5.46 11.99 -4.07
CA GLY C 101 -4.65 12.75 -3.14
C GLY C 101 -5.10 14.19 -3.02
N THR C 102 -4.91 14.74 -1.82
CA THR C 102 -5.06 16.17 -1.56
C THR C 102 -3.72 16.74 -1.16
N LYS C 103 -3.21 17.71 -1.90
CA LYS C 103 -2.02 18.43 -1.51
C LYS C 103 -2.41 19.63 -0.66
N VAL C 104 -1.76 19.79 0.48
CA VAL C 104 -2.09 20.87 1.41
C VAL C 104 -0.87 21.77 1.55
N GLU C 105 -1.01 23.01 1.10
CA GLU C 105 0.02 24.03 1.28
C GLU C 105 -0.21 24.76 2.61
N ILE C 106 0.88 25.10 3.30
CA ILE C 106 0.83 25.87 4.54
C ILE C 106 1.05 27.34 4.19
N LYS C 107 0.12 28.20 4.61
CA LYS C 107 0.22 29.60 4.28
C LYS C 107 1.21 30.32 5.18
N ARG C 108 1.58 31.53 4.75
CA ARG C 108 2.53 32.38 5.45
C ARG C 108 2.48 33.75 4.81
N THR C 109 3.12 34.73 5.46
CA THR C 109 3.10 36.08 4.95
C THR C 109 3.96 36.19 3.69
N VAL C 110 3.68 37.24 2.92
CA VAL C 110 4.30 37.39 1.61
C VAL C 110 5.78 37.70 1.76
N ALA C 111 6.62 36.93 1.07
CA ALA C 111 8.05 37.14 1.03
C ALA C 111 8.47 37.35 -0.41
N ALA C 112 9.30 38.37 -0.66
CA ALA C 112 9.67 38.65 -2.03
C ALA C 112 10.92 37.88 -2.42
N PRO C 113 11.02 37.45 -3.68
CA PRO C 113 12.15 36.61 -4.08
C PRO C 113 13.45 37.40 -4.12
N SER C 114 14.54 36.71 -3.81
CA SER C 114 15.87 37.24 -4.09
C SER C 114 16.28 36.79 -5.48
N VAL C 115 16.61 37.74 -6.34
CA VAL C 115 16.88 37.46 -7.75
C VAL C 115 18.38 37.43 -7.99
N PHE C 116 18.84 36.38 -8.68
CA PHE C 116 20.24 36.21 -9.06
C PHE C 116 20.32 35.81 -10.52
N ILE C 117 21.39 36.23 -11.20
CA ILE C 117 21.61 35.87 -12.59
C ILE C 117 23.01 35.29 -12.73
N PHE C 118 23.11 34.21 -13.51
CA PHE C 118 24.33 33.45 -13.71
C PHE C 118 24.66 33.44 -15.20
N PRO C 119 25.80 33.99 -15.61
CA PRO C 119 26.22 33.90 -17.01
C PRO C 119 26.69 32.49 -17.32
N PRO C 120 26.80 32.13 -18.60
CA PRO C 120 27.29 30.80 -18.96
C PRO C 120 28.74 30.60 -18.52
N SER C 121 29.04 29.40 -18.04
CA SER C 121 30.39 29.09 -17.62
C SER C 121 31.34 29.09 -18.81
N ASP C 122 32.61 29.34 -18.53
CA ASP C 122 33.64 29.21 -19.56
C ASP C 122 33.62 27.81 -20.16
N GLU C 123 33.36 26.80 -19.33
CA GLU C 123 33.45 25.41 -19.78
C GLU C 123 32.33 25.05 -20.74
N GLN C 124 31.12 25.57 -20.52
CA GLN C 124 30.02 25.27 -21.42
C GLN C 124 30.22 25.95 -22.78
N LEU C 125 30.58 27.23 -22.76
CA LEU C 125 30.90 27.94 -24.00
C LEU C 125 32.00 27.22 -24.76
N LYS C 126 33.05 26.82 -24.04
CA LYS C 126 34.11 25.97 -24.55
C LYS C 126 33.57 24.77 -25.32
N SER C 127 32.40 24.28 -24.90
CA SER C 127 31.80 23.09 -25.55
C SER C 127 30.96 23.50 -26.76
N GLY C 128 30.20 24.61 -26.70
CA GLY C 128 29.38 24.93 -27.85
C GLY C 128 28.01 25.52 -27.59
N THR C 129 27.50 25.46 -26.35
CA THR C 129 26.17 26.00 -26.04
C THR C 129 26.31 27.00 -24.90
N ALA C 130 25.27 27.81 -24.68
CA ALA C 130 25.28 28.81 -23.61
C ALA C 130 23.99 28.74 -22.82
N SER C 131 24.11 28.58 -21.50
CA SER C 131 22.96 28.62 -20.62
C SER C 131 23.11 29.80 -19.66
N VAL C 132 22.07 30.62 -19.56
CA VAL C 132 21.97 31.70 -18.59
C VAL C 132 20.94 31.29 -17.56
N VAL C 133 21.25 31.47 -16.29
CA VAL C 133 20.36 31.02 -15.22
C VAL C 133 19.85 32.22 -14.44
N CYS C 134 18.58 32.18 -14.07
CA CYS C 134 17.99 33.16 -13.16
C CYS C 134 17.40 32.40 -11.98
N LEU C 135 17.82 32.78 -10.77
CA LEU C 135 17.43 32.11 -9.54
C LEU C 135 16.59 33.06 -8.69
N LEU C 136 15.40 32.61 -8.30
CA LEU C 136 14.51 33.35 -7.42
C LEU C 136 14.43 32.57 -6.11
N ASN C 137 15.03 33.11 -5.05
CA ASN C 137 15.16 32.38 -3.80
C ASN C 137 14.10 32.82 -2.80
N ASN C 138 13.40 31.83 -2.25
CA ASN C 138 12.66 31.89 -0.99
C ASN C 138 11.61 33.00 -1.00
N PHE C 139 10.58 32.77 -1.81
CA PHE C 139 9.45 33.69 -1.91
C PHE C 139 8.15 32.97 -1.58
N TYR C 140 7.10 33.77 -1.41
CA TYR C 140 5.72 33.37 -1.18
C TYR C 140 4.85 34.59 -1.42
N PRO C 141 3.75 34.49 -2.19
CA PRO C 141 3.16 33.29 -2.80
C PRO C 141 3.99 32.70 -3.94
N ARG C 142 3.49 31.58 -4.49
CA ARG C 142 4.20 30.82 -5.51
C ARG C 142 4.10 31.44 -6.89
N GLU C 143 3.21 32.40 -7.10
CA GLU C 143 3.03 33.02 -8.40
C GLU C 143 4.10 34.07 -8.63
N ALA C 144 5.05 33.79 -9.51
CA ALA C 144 6.03 34.76 -9.97
C ALA C 144 6.12 34.66 -11.49
N LYS C 145 6.60 35.75 -12.10
CA LYS C 145 6.75 35.78 -13.55
C LYS C 145 8.16 36.24 -13.89
N VAL C 146 8.83 35.45 -14.72
CA VAL C 146 10.20 35.71 -15.17
C VAL C 146 10.16 36.00 -16.67
N GLN C 147 10.64 37.17 -17.06
CA GLN C 147 10.79 37.54 -18.46
C GLN C 147 12.27 37.69 -18.78
N TRP C 148 12.71 37.01 -19.83
CA TRP C 148 14.10 37.06 -20.26
C TRP C 148 14.25 38.10 -21.35
N LYS C 149 15.23 38.99 -21.20
CA LYS C 149 15.45 40.04 -22.19
C LYS C 149 16.89 40.01 -22.69
N VAL C 150 17.06 40.12 -24.00
CA VAL C 150 18.35 40.15 -24.67
C VAL C 150 18.42 41.40 -25.54
N ASP C 151 19.33 42.31 -25.20
CA ASP C 151 19.51 43.57 -25.93
C ASP C 151 18.16 44.19 -26.30
N ASN C 152 17.44 44.65 -25.26
CA ASN C 152 16.10 45.20 -25.37
C ASN C 152 15.02 44.13 -25.52
N ALA C 153 15.32 43.05 -26.24
CA ALA C 153 14.28 42.21 -26.80
C ALA C 153 13.80 41.16 -25.80
N LEU C 154 12.49 41.14 -25.55
CA LEU C 154 11.87 40.02 -24.86
C LEU C 154 12.13 38.73 -25.63
N GLN C 155 12.26 37.63 -24.88
CA GLN C 155 12.49 36.32 -25.46
C GLN C 155 11.28 35.43 -25.28
N SER C 156 11.15 34.44 -26.17
CA SER C 156 9.99 33.57 -26.18
C SER C 156 10.39 32.18 -26.67
N GLY C 157 10.01 31.16 -25.90
CA GLY C 157 10.21 29.79 -26.32
C GLY C 157 11.66 29.34 -26.34
N ASN C 158 12.53 29.99 -25.57
CA ASN C 158 13.92 29.57 -25.45
C ASN C 158 14.33 29.44 -23.99
N SER C 159 13.37 29.28 -23.09
CA SER C 159 13.65 29.22 -21.67
C SER C 159 12.75 28.17 -21.01
N GLN C 160 13.16 27.72 -19.83
CA GLN C 160 12.39 26.78 -19.05
C GLN C 160 12.51 27.10 -17.56
N GLU C 161 11.38 27.02 -16.85
CA GLU C 161 11.34 27.26 -15.42
C GLU C 161 11.25 25.94 -14.67
N SER C 162 11.48 26.02 -13.35
CA SER C 162 11.30 24.87 -12.49
C SER C 162 11.19 25.35 -11.05
N VAL C 163 10.22 24.84 -10.31
CA VAL C 163 9.90 25.32 -8.96
C VAL C 163 10.15 24.21 -7.96
N THR C 164 10.83 24.55 -6.86
CA THR C 164 10.97 23.59 -5.77
C THR C 164 9.61 23.38 -5.10
N GLU C 165 9.50 22.27 -4.38
CA GLU C 165 8.33 22.08 -3.54
C GLU C 165 8.48 22.91 -2.27
N GLN C 166 7.35 23.27 -1.68
CA GLN C 166 7.33 24.18 -0.55
C GLN C 166 8.24 23.70 0.58
N ASP C 167 9.09 24.60 1.06
CA ASP C 167 9.94 24.28 2.21
C ASP C 167 9.06 23.94 3.40
N SER C 168 9.41 22.85 4.09
CA SER C 168 8.65 22.41 5.24
C SER C 168 9.04 23.14 6.52
N LYS C 169 10.06 23.98 6.48
CA LYS C 169 10.55 24.67 7.66
C LYS C 169 10.27 26.17 7.65
N ASP C 170 10.00 26.77 6.49
CA ASP C 170 9.62 28.18 6.42
C ASP C 170 8.64 28.44 5.28
N SER C 171 8.14 27.40 4.62
CA SER C 171 6.99 27.50 3.72
C SER C 171 7.23 28.43 2.55
N THR C 172 8.46 28.41 2.02
CA THR C 172 8.83 29.25 0.89
C THR C 172 8.96 28.41 -0.38
N TYR C 173 9.12 29.10 -1.49
CA TYR C 173 9.38 28.50 -2.79
C TYR C 173 10.61 29.15 -3.42
N SER C 174 11.26 28.40 -4.30
CA SER C 174 12.33 28.95 -5.12
C SER C 174 12.13 28.50 -6.57
N LEU C 175 12.55 29.35 -7.50
CA LEU C 175 12.39 29.12 -8.92
C LEU C 175 13.75 29.21 -9.61
N SER C 176 13.97 28.33 -10.59
CA SER C 176 15.14 28.42 -11.44
C SER C 176 14.68 28.48 -12.89
N SER C 177 15.30 29.38 -13.67
CA SER C 177 14.93 29.59 -15.06
C SER C 177 16.18 29.57 -15.92
N THR C 178 16.18 28.72 -16.94
CA THR C 178 17.32 28.59 -17.84
C THR C 178 16.95 29.11 -19.22
N LEU C 179 17.72 30.08 -19.70
CA LEU C 179 17.65 30.60 -21.06
C LEU C 179 18.80 29.98 -21.84
N THR C 180 18.49 29.30 -22.94
CA THR C 180 19.44 28.46 -23.63
C THR C 180 19.62 28.92 -25.07
N LEU C 181 20.85 29.29 -25.42
CA LEU C 181 21.17 29.80 -26.75
C LEU C 181 22.30 28.99 -27.36
N SER C 182 22.33 28.98 -28.70
CA SER C 182 23.56 28.64 -29.39
C SER C 182 24.66 29.58 -28.92
N LYS C 183 25.89 29.10 -28.94
CA LYS C 183 27.01 29.97 -28.60
C LYS C 183 27.17 31.07 -29.64
N ALA C 184 26.92 30.74 -30.91
CA ALA C 184 27.02 31.74 -31.97
C ALA C 184 26.08 32.92 -31.70
N ASP C 185 24.87 32.62 -31.21
CA ASP C 185 23.91 33.68 -30.90
C ASP C 185 24.23 34.36 -29.58
N TYR C 186 24.72 33.60 -28.59
CA TYR C 186 25.09 34.21 -27.32
C TYR C 186 26.18 35.25 -27.51
N GLU C 187 27.12 34.99 -28.41
CA GLU C 187 28.27 35.89 -28.54
C GLU C 187 28.00 37.08 -29.45
N LYS C 188 26.81 37.23 -30.02
CA LYS C 188 26.51 38.40 -30.81
C LYS C 188 25.46 39.29 -30.16
N HIS C 189 25.30 39.17 -28.84
CA HIS C 189 24.51 40.10 -28.06
C HIS C 189 25.28 40.48 -26.80
N LYS C 190 24.90 41.60 -26.20
CA LYS C 190 25.67 42.21 -25.13
C LYS C 190 25.05 42.02 -23.76
N VAL C 191 23.84 42.55 -23.54
CA VAL C 191 23.25 42.61 -22.21
C VAL C 191 22.20 41.53 -22.08
N TYR C 192 22.35 40.69 -21.05
CA TYR C 192 21.40 39.63 -20.74
C TYR C 192 20.72 39.94 -19.42
N ALA C 193 19.38 39.92 -19.41
CA ALA C 193 18.64 40.43 -18.28
C ALA C 193 17.48 39.51 -17.93
N CYS C 194 17.12 39.52 -16.66
CA CYS C 194 16.04 38.72 -16.10
C CYS C 194 15.15 39.63 -15.30
N GLU C 195 13.86 39.68 -15.66
CA GLU C 195 12.88 40.61 -15.12
C GLU C 195 11.88 39.81 -14.30
N VAL C 196 11.74 40.14 -13.02
CA VAL C 196 10.95 39.35 -12.08
C VAL C 196 9.79 40.21 -11.57
N THR C 197 8.58 39.65 -11.67
CA THR C 197 7.39 40.28 -11.11
C THR C 197 6.74 39.33 -10.11
N HIS C 198 6.54 39.81 -8.89
CA HIS C 198 5.97 39.01 -7.81
C HIS C 198 5.15 39.93 -6.91
N GLN C 199 4.21 39.33 -6.17
CA GLN C 199 3.28 40.12 -5.37
C GLN C 199 3.99 40.88 -4.25
N GLY C 200 5.10 40.34 -3.74
CA GLY C 200 5.87 41.03 -2.71
C GLY C 200 6.81 42.09 -3.22
N LEU C 201 6.85 42.29 -4.52
CA LEU C 201 7.60 43.37 -5.14
C LEU C 201 6.63 44.47 -5.54
N SER C 202 6.96 45.71 -5.16
CA SER C 202 6.16 46.85 -5.59
C SER C 202 6.33 47.12 -7.09
N SER C 203 7.52 46.89 -7.62
CA SER C 203 7.80 47.02 -9.04
C SER C 203 8.74 45.91 -9.47
N PRO C 204 8.67 45.49 -10.73
CA PRO C 204 9.53 44.39 -11.19
C PRO C 204 11.00 44.70 -10.97
N VAL C 205 11.76 43.66 -10.58
CA VAL C 205 13.18 43.77 -10.29
C VAL C 205 13.96 43.08 -11.39
N THR C 206 15.04 43.71 -11.84
CA THR C 206 15.78 43.25 -13.01
C THR C 206 17.22 43.00 -12.60
N LYS C 207 17.70 41.79 -12.89
CA LYS C 207 19.11 41.44 -12.69
C LYS C 207 19.72 41.13 -14.03
N SER C 208 20.89 41.71 -14.32
CA SER C 208 21.46 41.61 -15.65
C SER C 208 22.97 41.60 -15.58
N PHE C 209 23.58 41.14 -16.66
CA PHE C 209 25.01 41.28 -16.88
C PHE C 209 25.25 41.66 -18.33
N ASN C 210 26.49 42.04 -18.62
CA ASN C 210 26.91 42.36 -19.99
C ASN C 210 27.99 41.36 -20.39
N ARG C 211 27.73 40.61 -21.45
CA ARG C 211 28.68 39.61 -21.92
C ARG C 211 30.03 40.24 -22.25
N GLY C 212 31.10 39.65 -21.71
CA GLY C 212 32.42 40.19 -21.88
C GLY C 212 32.78 41.31 -20.94
N GLU C 213 31.94 41.59 -19.95
CA GLU C 213 32.17 42.72 -19.05
C GLU C 213 31.68 42.41 -17.64
#